data_1EIX
#
_entry.id   1EIX
#
_cell.length_a   61.280
_cell.length_b   95.920
_cell.length_c   145.020
_cell.angle_alpha   90.00
_cell.angle_beta   90.00
_cell.angle_gamma   90.00
#
_symmetry.space_group_name_H-M   'P 21 21 21'
#
loop_
_entity.id
_entity.type
_entity.pdbx_description
1 polymer "OROTIDINE 5'-MONOPHOSPHATE DECARBOXYLASE"
2 non-polymer "1-(5'-PHOSPHO-BETA-D-RIBOFURANOSYL)BARBITURIC ACID"
3 water water
#
_entity_poly.entity_id   1
_entity_poly.type   'polypeptide(L)'
_entity_poly.pdbx_seq_one_letter_code
;MTLTASSSSRAVTNSPVVVALDYHNRDDALAFVDKIDPRDCRLKVGKEMFTLFGPQFVRELQQRGFDIFLDLKFHDIPNT
AAHAVAAAADLGVWMVNVHASGGARMMTAAREALVPFGKDAPLLIAVTVLTSMEASDLVDLGMTLSPADYAERLAALTQK
CGLDGVVCSAQEAVRFKQVFGQEFKLVTPGIRPQGSEAGDQRRIMTPEQALSAGVDYMVIGRPVTQSVDPAQTLKAINAS
LQRSA
;
_entity_poly.pdbx_strand_id   A,B,C,D
#
loop_
_chem_comp.id
_chem_comp.type
_chem_comp.name
_chem_comp.formula
BMQ RNA linking '1-(5'-PHOSPHO-BETA-D-RIBOFURANOSYL)BARBITURIC ACID' 'C9 H13 N2 O10 P'
#
# COMPACT_ATOMS: atom_id res chain seq x y z
N VAL A 12 -13.26 -11.24 18.94
CA VAL A 12 -12.44 -11.34 20.17
C VAL A 12 -12.47 -12.77 20.73
N THR A 13 -11.71 -12.99 21.80
CA THR A 13 -11.61 -14.30 22.45
C THR A 13 -11.65 -14.10 23.97
N ASN A 14 -11.94 -15.17 24.70
CA ASN A 14 -12.00 -15.07 26.17
C ASN A 14 -10.81 -15.65 26.90
N SER A 15 -10.12 -16.58 26.25
CA SER A 15 -8.94 -17.21 26.85
C SER A 15 -7.78 -16.23 26.94
N PRO A 16 -7.03 -16.25 28.07
CA PRO A 16 -5.89 -15.34 28.22
C PRO A 16 -4.66 -15.94 27.56
N VAL A 17 -4.85 -17.06 26.86
CA VAL A 17 -3.74 -17.77 26.22
C VAL A 17 -3.34 -17.26 24.86
N VAL A 18 -2.03 -17.05 24.71
CA VAL A 18 -1.44 -16.62 23.45
C VAL A 18 -0.44 -17.73 23.14
N VAL A 19 -0.71 -18.48 22.09
CA VAL A 19 0.16 -19.58 21.71
C VAL A 19 1.32 -19.10 20.85
N ALA A 20 2.54 -19.44 21.28
CA ALA A 20 3.74 -19.06 20.56
C ALA A 20 3.94 -19.95 19.34
N LEU A 21 3.69 -19.44 18.14
CA LEU A 21 3.90 -20.25 16.94
C LEU A 21 5.40 -20.20 16.62
N ASP A 22 6.13 -21.17 17.14
CA ASP A 22 7.58 -21.26 16.92
C ASP A 22 7.97 -22.49 16.12
N TYR A 23 7.48 -22.58 14.88
CA TYR A 23 7.81 -23.70 13.99
C TYR A 23 8.83 -23.23 12.95
N HIS A 24 9.45 -24.17 12.25
CA HIS A 24 10.43 -23.83 11.22
C HIS A 24 9.80 -24.09 9.86
N ASN A 25 8.51 -24.40 9.85
CA ASN A 25 7.77 -24.70 8.63
C ASN A 25 6.43 -23.97 8.66
N ARG A 26 6.01 -23.41 7.53
CA ARG A 26 4.75 -22.68 7.52
C ARG A 26 3.58 -23.65 7.74
N ASP A 27 3.48 -24.65 6.87
CA ASP A 27 2.40 -25.65 6.95
C ASP A 27 2.34 -26.40 8.27
N ASP A 28 3.48 -26.50 8.94
CA ASP A 28 3.51 -27.20 10.23
C ASP A 28 2.76 -26.34 11.24
N ALA A 29 2.77 -25.02 11.04
CA ALA A 29 2.08 -24.09 11.93
C ALA A 29 0.59 -24.02 11.61
N LEU A 30 0.27 -23.84 10.33
CA LEU A 30 -1.11 -23.75 9.89
C LEU A 30 -1.90 -25.05 10.08
N ALA A 31 -1.19 -26.17 10.23
CA ALA A 31 -1.87 -27.44 10.42
C ALA A 31 -2.49 -27.36 11.82
N PHE A 32 -1.77 -26.70 12.72
CA PHE A 32 -2.23 -26.50 14.08
C PHE A 32 -3.31 -25.41 14.07
N VAL A 33 -3.00 -24.28 13.46
CA VAL A 33 -3.95 -23.17 13.40
C VAL A 33 -5.31 -23.52 12.77
N ASP A 34 -5.31 -24.33 11.73
CA ASP A 34 -6.59 -24.69 11.10
C ASP A 34 -7.46 -25.59 11.97
N LYS A 35 -6.88 -26.14 13.03
CA LYS A 35 -7.65 -27.01 13.92
C LYS A 35 -8.21 -26.25 15.11
N ILE A 36 -7.78 -25.01 15.28
CA ILE A 36 -8.28 -24.21 16.40
C ILE A 36 -9.11 -23.07 15.86
N ASP A 37 -9.56 -22.22 16.77
CA ASP A 37 -10.39 -21.10 16.42
C ASP A 37 -9.98 -19.85 17.17
N PRO A 38 -10.19 -18.66 16.55
CA PRO A 38 -9.85 -17.38 17.16
C PRO A 38 -10.39 -17.20 18.58
N ARG A 39 -11.42 -17.96 18.94
CA ARG A 39 -11.96 -17.82 20.29
C ARG A 39 -11.14 -18.66 21.28
N ASP A 40 -10.44 -19.67 20.77
CA ASP A 40 -9.61 -20.55 21.59
C ASP A 40 -8.39 -19.82 22.13
N CYS A 41 -7.81 -18.95 21.33
CA CYS A 41 -6.61 -18.21 21.74
C CYS A 41 -6.19 -17.16 20.72
N ARG A 42 -5.10 -16.49 21.05
CA ARG A 42 -4.49 -15.51 20.17
C ARG A 42 -3.19 -16.15 19.72
N LEU A 43 -2.55 -15.61 18.70
CA LEU A 43 -1.32 -16.18 18.20
C LEU A 43 -0.15 -15.24 18.33
N LYS A 44 1.04 -15.81 18.43
CA LYS A 44 2.26 -15.02 18.58
C LYS A 44 3.27 -15.44 17.51
N VAL A 45 3.65 -14.47 16.68
CA VAL A 45 4.62 -14.71 15.62
C VAL A 45 5.92 -14.06 16.10
N GLY A 46 6.93 -14.89 16.35
CA GLY A 46 8.19 -14.38 16.86
C GLY A 46 9.31 -14.29 15.84
N LYS A 47 10.51 -14.06 16.36
CA LYS A 47 11.69 -13.93 15.52
C LYS A 47 11.95 -15.10 14.58
N GLU A 48 11.72 -16.32 15.05
CA GLU A 48 11.95 -17.48 14.20
C GLU A 48 11.06 -17.49 12.96
N MET A 49 9.75 -17.60 13.17
CA MET A 49 8.81 -17.63 12.05
C MET A 49 8.75 -16.32 11.26
N PHE A 50 9.10 -15.19 11.86
CA PHE A 50 9.06 -13.95 11.10
C PHE A 50 10.32 -13.81 10.25
N THR A 51 11.46 -14.26 10.76
CA THR A 51 12.69 -14.21 9.98
C THR A 51 12.53 -15.13 8.76
N LEU A 52 11.78 -16.21 8.96
CA LEU A 52 11.53 -17.21 7.93
C LEU A 52 10.48 -16.86 6.88
N PHE A 53 9.34 -16.36 7.31
CA PHE A 53 8.28 -16.07 6.38
C PHE A 53 7.82 -14.62 6.23
N GLY A 54 8.33 -13.73 7.08
CA GLY A 54 7.99 -12.33 6.97
C GLY A 54 6.55 -11.91 7.28
N PRO A 55 6.18 -10.67 6.92
CA PRO A 55 4.84 -10.13 7.14
C PRO A 55 3.72 -10.87 6.43
N GLN A 56 4.04 -11.63 5.38
CA GLN A 56 2.98 -12.33 4.68
C GLN A 56 2.36 -13.44 5.55
N PHE A 57 3.18 -14.10 6.36
CA PHE A 57 2.66 -15.13 7.24
C PHE A 57 1.67 -14.50 8.23
N VAL A 58 2.02 -13.32 8.75
CA VAL A 58 1.15 -12.64 9.69
C VAL A 58 -0.20 -12.27 9.07
N ARG A 59 -0.21 -11.97 7.78
CA ARG A 59 -1.44 -11.62 7.11
C ARG A 59 -2.29 -12.87 6.94
N GLU A 60 -1.62 -14.00 6.71
CA GLU A 60 -2.34 -15.25 6.55
C GLU A 60 -3.09 -15.56 7.82
N LEU A 61 -2.45 -15.35 8.96
CA LEU A 61 -3.09 -15.60 10.24
C LEU A 61 -4.20 -14.59 10.51
N GLN A 62 -3.99 -13.35 10.10
CA GLN A 62 -5.01 -12.33 10.32
C GLN A 62 -6.20 -12.61 9.42
N GLN A 63 -5.94 -13.33 8.33
CA GLN A 63 -6.97 -13.71 7.37
C GLN A 63 -7.93 -14.67 8.04
N ARG A 64 -7.38 -15.69 8.69
CA ARG A 64 -8.18 -16.69 9.40
C ARG A 64 -8.94 -16.04 10.56
N GLY A 65 -8.58 -14.81 10.90
CA GLY A 65 -9.26 -14.10 11.96
C GLY A 65 -8.62 -14.06 13.34
N PHE A 66 -7.35 -14.42 13.45
CA PHE A 66 -6.70 -14.39 14.73
C PHE A 66 -6.04 -13.05 15.05
N ASP A 67 -5.97 -12.72 16.34
CA ASP A 67 -5.30 -11.50 16.77
C ASP A 67 -3.84 -11.90 16.82
N ILE A 68 -2.96 -11.07 16.28
CA ILE A 68 -1.55 -11.42 16.27
C ILE A 68 -0.65 -10.52 17.09
N PHE A 69 0.21 -11.16 17.87
CA PHE A 69 1.19 -10.47 18.72
C PHE A 69 2.52 -10.60 17.98
N LEU A 70 2.95 -9.55 17.29
CA LEU A 70 4.22 -9.59 16.58
C LEU A 70 5.28 -9.45 17.66
N ASP A 71 5.99 -10.55 17.89
CA ASP A 71 7.01 -10.58 18.93
C ASP A 71 8.42 -10.47 18.38
N LEU A 72 8.85 -9.24 18.12
CA LEU A 72 10.20 -9.02 17.59
C LEU A 72 11.09 -8.28 18.57
N LYS A 73 10.55 -7.99 19.75
CA LYS A 73 11.29 -7.32 20.81
C LYS A 73 12.26 -6.27 20.27
N PHE A 74 11.73 -5.27 19.56
CA PHE A 74 12.57 -4.21 19.00
C PHE A 74 13.44 -3.60 20.08
N HIS A 75 14.74 -3.75 19.91
CA HIS A 75 15.72 -3.22 20.86
C HIS A 75 16.81 -2.56 20.02
N ASP A 76 16.55 -1.33 19.61
CA ASP A 76 17.46 -0.57 18.73
C ASP A 76 17.51 0.91 19.11
N ILE A 77 18.12 1.72 18.26
CA ILE A 77 18.19 3.16 18.50
C ILE A 77 16.80 3.74 18.28
N PRO A 78 16.46 4.82 19.00
CA PRO A 78 15.14 5.44 18.86
C PRO A 78 14.61 5.49 17.43
N ASN A 79 15.40 6.03 16.50
CA ASN A 79 14.94 6.13 15.14
C ASN A 79 14.40 4.81 14.59
N THR A 80 15.22 3.77 14.62
CA THR A 80 14.81 2.44 14.15
C THR A 80 13.59 1.90 14.89
N ALA A 81 13.62 1.98 16.21
CA ALA A 81 12.52 1.50 17.03
C ALA A 81 11.19 2.10 16.57
N ALA A 82 11.17 3.40 16.33
CA ALA A 82 9.95 4.05 15.90
C ALA A 82 9.48 3.53 14.55
N HIS A 83 10.35 3.56 13.54
CA HIS A 83 9.99 3.07 12.22
C HIS A 83 9.53 1.62 12.25
N ALA A 84 10.18 0.78 13.05
CA ALA A 84 9.81 -0.62 13.14
C ALA A 84 8.42 -0.76 13.72
N VAL A 85 8.16 -0.08 14.83
CA VAL A 85 6.84 -0.15 15.44
C VAL A 85 5.80 0.38 14.45
N ALA A 86 6.18 1.42 13.70
CA ALA A 86 5.27 2.00 12.72
C ALA A 86 4.99 0.97 11.64
N ALA A 87 6.02 0.18 11.31
CA ALA A 87 5.89 -0.86 10.29
C ALA A 87 4.96 -1.95 10.79
N ALA A 88 5.06 -2.27 12.09
CA ALA A 88 4.22 -3.29 12.70
C ALA A 88 2.77 -2.78 12.68
N ALA A 89 2.60 -1.49 12.94
CA ALA A 89 1.27 -0.88 12.94
C ALA A 89 0.66 -0.95 11.54
N ASP A 90 1.50 -0.81 10.51
CA ASP A 90 1.02 -0.88 9.12
C ASP A 90 0.51 -2.28 8.87
N LEU A 91 1.14 -3.25 9.53
CA LEU A 91 0.76 -4.65 9.38
C LEU A 91 -0.61 -4.89 10.04
N GLY A 92 -1.00 -3.98 10.93
CA GLY A 92 -2.29 -4.10 11.61
C GLY A 92 -2.35 -5.14 12.72
N VAL A 93 -1.19 -5.49 13.27
CA VAL A 93 -1.13 -6.46 14.33
C VAL A 93 -1.86 -5.99 15.58
N TRP A 94 -2.32 -6.95 16.37
CA TRP A 94 -3.02 -6.68 17.61
C TRP A 94 -2.10 -6.12 18.69
N MET A 95 -0.91 -6.72 18.80
CA MET A 95 0.07 -6.30 19.80
C MET A 95 1.49 -6.40 19.26
N VAL A 96 2.34 -5.44 19.63
CA VAL A 96 3.72 -5.46 19.16
C VAL A 96 4.69 -5.22 20.31
N ASN A 97 5.86 -5.85 20.18
CA ASN A 97 6.92 -5.85 21.18
C ASN A 97 7.99 -4.75 21.09
N VAL A 98 8.78 -4.66 22.16
CA VAL A 98 9.88 -3.72 22.30
C VAL A 98 10.62 -4.10 23.57
N HIS A 99 11.93 -3.86 23.61
CA HIS A 99 12.71 -4.18 24.80
C HIS A 99 12.83 -2.94 25.69
N ALA A 100 12.39 -3.07 26.93
CA ALA A 100 12.47 -1.95 27.86
C ALA A 100 13.92 -1.55 28.11
N SER A 101 14.85 -2.49 27.99
CA SER A 101 16.25 -2.14 28.23
C SER A 101 16.77 -1.22 27.13
N GLY A 102 15.90 -0.94 26.16
CA GLY A 102 16.26 -0.05 25.08
C GLY A 102 16.25 1.38 25.58
N GLY A 103 15.69 1.59 26.76
CA GLY A 103 15.65 2.93 27.34
C GLY A 103 14.44 3.80 27.08
N ALA A 104 14.36 4.89 27.85
CA ALA A 104 13.27 5.85 27.77
C ALA A 104 13.09 6.49 26.40
N ARG A 105 14.16 7.07 25.88
CA ARG A 105 14.11 7.73 24.59
C ARG A 105 13.60 6.78 23.51
N MET A 106 14.10 5.55 23.53
CA MET A 106 13.69 4.57 22.54
C MET A 106 12.22 4.22 22.72
N MET A 107 11.81 3.96 23.97
CA MET A 107 10.42 3.61 24.23
C MET A 107 9.47 4.75 23.92
N THR A 108 9.87 5.97 24.26
CA THR A 108 9.04 7.14 23.99
C THR A 108 8.87 7.34 22.48
N ALA A 109 9.97 7.21 21.74
CA ALA A 109 9.93 7.36 20.30
C ALA A 109 8.99 6.31 19.71
N ALA A 110 9.00 5.12 20.30
CA ALA A 110 8.15 4.02 19.84
C ALA A 110 6.69 4.35 20.07
N ARG A 111 6.37 4.84 21.26
CA ARG A 111 5.00 5.19 21.57
C ARG A 111 4.55 6.28 20.62
N GLU A 112 5.37 7.32 20.49
CA GLU A 112 5.04 8.45 19.63
C GLU A 112 4.84 8.09 18.17
N ALA A 113 5.52 7.03 17.72
CA ALA A 113 5.39 6.58 16.33
C ALA A 113 4.02 5.96 16.07
N LEU A 114 3.26 5.64 17.12
CA LEU A 114 1.94 5.04 16.96
C LEU A 114 0.76 6.01 16.99
N VAL A 115 1.04 7.26 17.35
CA VAL A 115 0.00 8.28 17.41
C VAL A 115 -0.70 8.46 16.06
N PRO A 116 0.07 8.53 14.97
CA PRO A 116 -0.54 8.69 13.64
C PRO A 116 -1.53 7.60 13.26
N PHE A 117 -1.41 6.43 13.84
CA PHE A 117 -2.30 5.32 13.54
C PHE A 117 -3.56 5.37 14.38
N GLY A 118 -3.64 6.37 15.24
CA GLY A 118 -4.79 6.55 16.10
C GLY A 118 -5.30 5.29 16.76
N LYS A 119 -6.60 5.06 16.58
CA LYS A 119 -7.29 3.92 17.16
C LYS A 119 -6.77 2.55 16.70
N ASP A 120 -6.39 2.44 15.43
CA ASP A 120 -5.88 1.18 14.90
C ASP A 120 -4.58 0.72 15.56
N ALA A 121 -3.81 1.65 16.12
CA ALA A 121 -2.55 1.32 16.77
C ALA A 121 -2.64 0.01 17.55
N PRO A 122 -1.55 -0.77 17.57
CA PRO A 122 -1.57 -2.03 18.32
C PRO A 122 -1.12 -1.76 19.76
N LEU A 123 -1.37 -2.71 20.65
CA LEU A 123 -0.93 -2.54 22.02
C LEU A 123 0.59 -2.55 21.97
N LEU A 124 1.23 -1.64 22.70
CA LEU A 124 2.68 -1.56 22.70
C LEU A 124 3.23 -2.03 24.04
N ILE A 125 3.86 -3.20 24.02
CA ILE A 125 4.38 -3.81 25.23
C ILE A 125 5.90 -3.85 25.29
N ALA A 126 6.44 -3.71 26.49
CA ALA A 126 7.89 -3.75 26.67
C ALA A 126 8.33 -4.99 27.45
N VAL A 127 9.37 -5.64 26.93
CA VAL A 127 9.92 -6.81 27.58
C VAL A 127 10.77 -6.29 28.71
N THR A 128 10.63 -6.91 29.89
CA THR A 128 11.44 -6.49 31.03
C THR A 128 12.63 -7.43 31.08
N VAL A 129 12.55 -8.45 31.92
CA VAL A 129 13.62 -9.42 32.05
C VAL A 129 13.11 -10.76 31.51
N LEU A 130 13.83 -11.32 30.55
CA LEU A 130 13.42 -12.59 29.95
C LEU A 130 13.27 -13.69 31.02
N THR A 131 12.20 -14.45 30.90
CA THR A 131 11.88 -15.52 31.85
C THR A 131 12.91 -16.64 31.89
N SER A 132 13.89 -16.56 31.01
CA SER A 132 14.94 -17.58 30.94
C SER A 132 16.15 -17.13 31.73
N MET A 133 16.07 -15.95 32.32
CA MET A 133 17.19 -15.40 33.09
C MET A 133 16.98 -15.40 34.60
N GLU A 134 18.01 -15.86 35.31
CA GLU A 134 18.01 -15.89 36.77
C GLU A 134 19.12 -14.92 37.13
N ALA A 135 19.47 -14.85 38.41
CA ALA A 135 20.51 -13.93 38.84
C ALA A 135 21.84 -14.20 38.16
N SER A 136 22.19 -15.47 38.02
CA SER A 136 23.46 -15.83 37.40
C SER A 136 23.55 -15.33 35.97
N ASP A 137 22.43 -15.33 35.27
CA ASP A 137 22.43 -14.87 33.88
C ASP A 137 22.63 -13.35 33.85
N LEU A 138 21.87 -12.63 34.67
CA LEU A 138 21.98 -11.17 34.74
C LEU A 138 23.32 -10.71 35.29
N VAL A 139 23.95 -11.55 36.11
CA VAL A 139 25.21 -11.19 36.72
C VAL A 139 26.36 -10.99 35.72
N ASP A 140 26.27 -11.63 34.55
CA ASP A 140 27.32 -11.48 33.55
C ASP A 140 27.35 -10.09 32.92
N LEU A 141 26.20 -9.42 32.92
CA LEU A 141 26.11 -8.07 32.36
C LEU A 141 26.54 -7.04 33.40
N GLY A 142 26.86 -7.51 34.60
CA GLY A 142 27.28 -6.60 35.65
C GLY A 142 26.05 -6.02 36.34
N MET A 143 24.93 -6.68 36.13
CA MET A 143 23.66 -6.26 36.71
C MET A 143 23.53 -6.78 38.14
N THR A 144 23.72 -5.87 39.07
CA THR A 144 23.67 -6.15 40.50
C THR A 144 22.32 -6.58 41.07
N LEU A 145 21.23 -6.10 40.47
CA LEU A 145 19.89 -6.41 40.95
C LEU A 145 19.38 -7.79 40.57
N SER A 146 18.49 -8.33 41.40
CA SER A 146 17.88 -9.63 41.18
C SER A 146 16.96 -9.50 39.96
N PRO A 147 16.54 -10.63 39.37
CA PRO A 147 15.65 -10.56 38.21
C PRO A 147 14.42 -9.69 38.47
N ALA A 148 13.72 -9.99 39.57
CA ALA A 148 12.51 -9.26 39.95
C ALA A 148 12.72 -7.75 40.11
N ASP A 149 13.76 -7.38 40.86
CA ASP A 149 14.07 -5.97 41.08
C ASP A 149 14.38 -5.22 39.79
N TYR A 150 15.27 -5.79 38.98
CA TYR A 150 15.63 -5.17 37.71
C TYR A 150 14.39 -5.07 36.82
N ALA A 151 13.63 -6.16 36.77
CA ALA A 151 12.42 -6.20 35.98
C ALA A 151 11.46 -5.10 36.41
N GLU A 152 11.40 -4.81 37.71
CA GLU A 152 10.50 -3.76 38.18
C GLU A 152 11.02 -2.39 37.80
N ARG A 153 12.32 -2.27 37.65
CA ARG A 153 12.90 -0.99 37.27
C ARG A 153 12.59 -0.75 35.81
N LEU A 154 12.65 -1.82 35.02
CA LEU A 154 12.37 -1.75 33.59
C LEU A 154 10.90 -1.47 33.33
N ALA A 155 10.03 -2.09 34.12
CA ALA A 155 8.60 -1.89 33.97
C ALA A 155 8.22 -0.46 34.37
N ALA A 156 8.91 0.06 35.39
CA ALA A 156 8.64 1.42 35.87
C ALA A 156 8.97 2.43 34.77
N LEU A 157 10.07 2.18 34.05
CA LEU A 157 10.48 3.08 32.97
C LEU A 157 9.45 2.92 31.86
N THR A 158 9.02 1.69 31.64
CA THR A 158 8.04 1.39 30.60
C THR A 158 6.74 2.14 30.86
N GLN A 159 6.25 2.05 32.10
CA GLN A 159 5.03 2.74 32.46
C GLN A 159 5.17 4.24 32.30
N LYS A 160 6.29 4.78 32.75
CA LYS A 160 6.56 6.21 32.64
C LYS A 160 6.57 6.70 31.19
N CYS A 161 7.04 5.87 30.26
CA CYS A 161 7.08 6.28 28.87
C CYS A 161 5.73 6.14 28.18
N GLY A 162 4.72 5.73 28.95
CA GLY A 162 3.39 5.60 28.40
C GLY A 162 3.04 4.30 27.67
N LEU A 163 3.84 3.26 27.87
CA LEU A 163 3.52 1.99 27.19
C LEU A 163 2.29 1.36 27.84
N ASP A 164 1.67 0.43 27.13
CA ASP A 164 0.45 -0.24 27.59
C ASP A 164 0.70 -1.37 28.55
N GLY A 165 1.91 -1.88 28.58
CA GLY A 165 2.18 -2.98 29.48
C GLY A 165 3.59 -3.49 29.44
N VAL A 166 3.75 -4.71 29.91
CA VAL A 166 5.07 -5.31 29.99
C VAL A 166 5.03 -6.82 29.79
N VAL A 167 6.19 -7.36 29.40
CA VAL A 167 6.32 -8.80 29.27
C VAL A 167 7.21 -9.12 30.47
N CYS A 168 6.86 -10.16 31.20
CA CYS A 168 7.64 -10.57 32.37
C CYS A 168 7.23 -11.97 32.77
N SER A 169 7.80 -12.46 33.87
CA SER A 169 7.46 -13.77 34.39
C SER A 169 6.26 -13.59 35.30
N ALA A 170 5.46 -14.64 35.44
CA ALA A 170 4.28 -14.57 36.29
C ALA A 170 4.74 -14.40 37.74
N GLN A 171 6.01 -14.69 37.99
CA GLN A 171 6.58 -14.56 39.33
C GLN A 171 6.65 -13.10 39.76
N GLU A 172 6.35 -12.19 38.84
CA GLU A 172 6.38 -10.76 39.14
C GLU A 172 4.99 -10.16 39.02
N ALA A 173 3.99 -10.99 38.72
CA ALA A 173 2.63 -10.53 38.52
C ALA A 173 1.93 -9.87 39.71
N VAL A 174 2.00 -10.47 40.90
CA VAL A 174 1.33 -9.89 42.06
C VAL A 174 1.98 -8.54 42.39
N ARG A 175 3.29 -8.54 42.48
CA ARG A 175 4.05 -7.34 42.79
C ARG A 175 3.79 -6.26 41.74
N PHE A 176 3.96 -6.62 40.47
CA PHE A 176 3.76 -5.65 39.40
C PHE A 176 2.34 -5.09 39.38
N LYS A 177 1.35 -5.98 39.47
CA LYS A 177 -0.03 -5.53 39.45
C LYS A 177 -0.28 -4.49 40.53
N GLN A 178 0.36 -4.65 41.69
CA GLN A 178 0.24 -3.71 42.79
C GLN A 178 0.94 -2.38 42.55
N VAL A 179 2.19 -2.45 42.10
CA VAL A 179 2.98 -1.25 41.84
C VAL A 179 2.53 -0.42 40.63
N PHE A 180 1.98 -1.08 39.61
CA PHE A 180 1.55 -0.37 38.41
C PHE A 180 0.04 -0.31 38.23
N GLY A 181 -0.69 -1.16 38.95
CA GLY A 181 -2.13 -1.15 38.84
C GLY A 181 -2.66 -2.24 37.94
N GLN A 182 -3.97 -2.45 37.99
CA GLN A 182 -4.64 -3.47 37.18
C GLN A 182 -4.66 -3.15 35.70
N GLU A 183 -4.54 -1.86 35.38
CA GLU A 183 -4.55 -1.40 33.99
C GLU A 183 -3.28 -1.75 33.22
N PHE A 184 -2.14 -1.70 33.88
CA PHE A 184 -0.88 -2.04 33.23
C PHE A 184 -0.94 -3.51 32.87
N LYS A 185 -0.98 -3.81 31.58
CA LYS A 185 -1.07 -5.19 31.14
C LYS A 185 0.22 -5.96 31.34
N LEU A 186 0.06 -7.20 31.80
CA LEU A 186 1.18 -8.09 32.02
C LEU A 186 1.05 -9.27 31.09
N VAL A 187 2.06 -9.49 30.26
CA VAL A 187 2.08 -10.61 29.33
C VAL A 187 3.18 -11.53 29.87
N THR A 188 2.81 -12.73 30.26
CA THR A 188 3.76 -13.65 30.85
C THR A 188 4.01 -15.01 30.21
N PRO A 189 5.25 -15.22 29.75
CA PRO A 189 5.66 -16.49 29.13
C PRO A 189 6.23 -17.30 30.30
N GLY A 190 6.98 -18.35 30.00
CA GLY A 190 7.51 -19.17 31.09
C GLY A 190 6.37 -19.93 31.75
N ILE A 191 5.43 -20.36 30.94
CA ILE A 191 4.28 -21.12 31.42
C ILE A 191 4.48 -22.61 31.19
N ARG A 192 4.50 -23.37 32.28
CA ARG A 192 4.69 -24.81 32.18
C ARG A 192 3.63 -25.56 32.99
N PRO A 193 2.72 -26.27 32.32
CA PRO A 193 1.74 -26.97 33.15
C PRO A 193 2.58 -27.98 33.93
N GLN A 194 2.05 -28.55 35.00
CA GLN A 194 2.85 -29.49 35.79
C GLN A 194 3.34 -30.69 34.96
N GLY A 195 4.59 -31.08 35.19
CA GLY A 195 5.15 -32.19 34.46
C GLY A 195 5.93 -31.76 33.23
N SER A 196 5.48 -30.69 32.59
CA SER A 196 6.16 -30.17 31.39
C SER A 196 7.63 -29.91 31.62
N GLU A 197 8.41 -30.04 30.56
CA GLU A 197 9.85 -29.80 30.64
C GLU A 197 10.14 -28.29 30.57
N ALA A 198 10.94 -27.81 31.51
CA ALA A 198 11.30 -26.40 31.61
C ALA A 198 12.10 -25.89 30.41
N GLY A 199 13.02 -26.70 29.91
CA GLY A 199 13.82 -26.26 28.78
C GLY A 199 14.73 -25.13 29.22
N ASP A 200 14.82 -24.07 28.43
CA ASP A 200 15.67 -22.95 28.77
C ASP A 200 14.95 -21.95 29.66
N GLN A 201 13.67 -22.23 29.90
CA GLN A 201 12.83 -21.38 30.75
C GLN A 201 13.28 -21.47 32.20
N ARG A 202 13.25 -20.35 32.93
CA ARG A 202 13.69 -20.34 34.32
C ARG A 202 12.68 -19.85 35.36
N ARG A 203 12.02 -18.73 35.12
CA ARG A 203 11.03 -18.20 36.07
C ARG A 203 9.63 -18.64 35.67
N ILE A 204 9.42 -19.95 35.74
CA ILE A 204 8.18 -20.57 35.35
C ILE A 204 7.05 -20.59 36.37
N MET A 205 5.87 -20.91 35.86
CA MET A 205 4.68 -20.98 36.67
C MET A 205 3.69 -21.75 35.81
N THR A 206 2.74 -22.44 36.44
CA THR A 206 1.77 -23.21 35.69
C THR A 206 0.65 -22.30 35.20
N PRO A 207 -0.09 -22.73 34.18
CA PRO A 207 -1.17 -21.90 33.66
C PRO A 207 -2.04 -21.37 34.81
N GLU A 208 -2.44 -22.29 35.70
CA GLU A 208 -3.28 -21.95 36.83
C GLU A 208 -2.62 -20.95 37.78
N GLN A 209 -1.36 -21.18 38.11
CA GLN A 209 -0.65 -20.26 39.00
C GLN A 209 -0.58 -18.87 38.38
N ALA A 210 -0.33 -18.82 37.08
CA ALA A 210 -0.23 -17.54 36.37
C ALA A 210 -1.54 -16.77 36.43
N LEU A 211 -2.66 -17.46 36.21
CA LEU A 211 -3.96 -16.81 36.25
C LEU A 211 -4.26 -16.29 37.65
N SER A 212 -3.92 -17.06 38.67
CA SER A 212 -4.15 -16.63 40.05
C SER A 212 -3.31 -15.42 40.38
N ALA A 213 -2.10 -15.38 39.83
CA ALA A 213 -1.20 -14.26 40.03
C ALA A 213 -1.83 -13.03 39.37
N GLY A 214 -2.89 -13.25 38.60
CA GLY A 214 -3.58 -12.16 37.93
C GLY A 214 -2.98 -11.60 36.66
N VAL A 215 -2.35 -12.43 35.84
CA VAL A 215 -1.74 -11.93 34.60
C VAL A 215 -2.83 -11.70 33.56
N ASP A 216 -2.57 -10.79 32.62
CA ASP A 216 -3.54 -10.50 31.57
C ASP A 216 -3.45 -11.51 30.44
N TYR A 217 -2.22 -11.89 30.09
CA TYR A 217 -2.01 -12.85 29.03
C TYR A 217 -0.85 -13.77 29.36
N MET A 218 -1.01 -15.06 29.04
CA MET A 218 0.05 -16.00 29.29
C MET A 218 0.48 -16.55 27.95
N VAL A 219 1.79 -16.63 27.76
CA VAL A 219 2.32 -17.13 26.51
C VAL A 219 2.77 -18.57 26.68
N ILE A 220 2.21 -19.46 25.87
CA ILE A 220 2.55 -20.87 25.93
C ILE A 220 3.01 -21.39 24.57
N GLY A 221 4.17 -22.04 24.54
CA GLY A 221 4.69 -22.58 23.32
C GLY A 221 4.83 -24.09 23.29
N ARG A 222 6.02 -24.58 23.60
CA ARG A 222 6.30 -26.01 23.58
C ARG A 222 5.31 -26.95 24.25
N PRO A 223 4.77 -26.58 25.42
CA PRO A 223 3.81 -27.49 26.07
C PRO A 223 2.64 -27.84 25.13
N VAL A 224 2.35 -26.93 24.21
CA VAL A 224 1.27 -27.12 23.26
C VAL A 224 1.75 -27.60 21.91
N THR A 225 2.68 -26.86 21.32
CA THR A 225 3.19 -27.18 20.00
C THR A 225 4.03 -28.45 19.93
N GLN A 226 4.60 -28.84 21.06
CA GLN A 226 5.43 -30.04 21.10
C GLN A 226 4.62 -31.33 21.26
N SER A 227 3.31 -31.20 21.45
CA SER A 227 2.51 -32.38 21.61
C SER A 227 1.89 -32.80 20.29
N VAL A 228 1.53 -34.08 20.19
CA VAL A 228 0.86 -34.52 18.98
C VAL A 228 -0.53 -34.02 19.36
N ASP A 229 -1.31 -33.58 18.38
CA ASP A 229 -2.63 -33.04 18.70
C ASP A 229 -2.50 -31.85 19.67
N PRO A 230 -1.83 -30.77 19.23
CA PRO A 230 -1.66 -29.59 20.09
C PRO A 230 -2.96 -28.85 20.36
N ALA A 231 -3.92 -28.96 19.44
CA ALA A 231 -5.20 -28.29 19.63
C ALA A 231 -5.87 -28.84 20.89
N GLN A 232 -5.80 -30.15 21.06
CA GLN A 232 -6.39 -30.80 22.22
C GLN A 232 -5.74 -30.30 23.50
N THR A 233 -4.42 -30.11 23.47
CA THR A 233 -3.70 -29.64 24.65
C THR A 233 -4.11 -28.20 24.96
N LEU A 234 -4.28 -27.41 23.91
CA LEU A 234 -4.68 -26.01 24.08
C LEU A 234 -6.08 -26.00 24.70
N LYS A 235 -6.91 -26.94 24.26
CA LYS A 235 -8.26 -27.04 24.78
C LYS A 235 -8.24 -27.40 26.27
N ALA A 236 -7.44 -28.40 26.62
CA ALA A 236 -7.33 -28.84 28.00
C ALA A 236 -6.86 -27.72 28.90
N ILE A 237 -5.80 -27.02 28.48
CA ILE A 237 -5.29 -25.92 29.28
C ILE A 237 -6.43 -24.94 29.56
N ASN A 238 -7.15 -24.54 28.50
CA ASN A 238 -8.27 -23.62 28.67
C ASN A 238 -9.27 -24.17 29.69
N ALA A 239 -9.50 -25.47 29.65
CA ALA A 239 -10.44 -26.11 30.56
C ALA A 239 -10.01 -25.84 32.02
N SER A 240 -8.71 -25.99 32.29
CA SER A 240 -8.18 -25.76 33.63
C SER A 240 -8.42 -24.34 34.15
N LEU A 241 -8.44 -23.38 33.24
CA LEU A 241 -8.63 -22.00 33.62
C LEU A 241 -10.09 -21.68 33.92
N GLN A 242 -10.82 -22.68 34.41
CA GLN A 242 -12.24 -22.52 34.74
C GLN A 242 -12.60 -23.28 36.02
N VAL B 12 32.50 -9.54 -4.16
CA VAL B 12 33.05 -9.03 -2.91
C VAL B 12 33.50 -7.57 -3.06
N THR B 13 33.62 -6.88 -1.93
CA THR B 13 34.06 -5.49 -1.91
C THR B 13 35.17 -5.38 -0.86
N ASN B 14 36.05 -4.40 -1.02
CA ASN B 14 37.11 -4.22 -0.05
C ASN B 14 36.84 -2.97 0.78
N SER B 15 35.63 -2.46 0.66
CA SER B 15 35.20 -1.30 1.41
C SER B 15 34.66 -1.77 2.76
N PRO B 16 34.91 -1.03 3.83
CA PRO B 16 34.41 -1.44 5.15
C PRO B 16 33.01 -0.89 5.37
N VAL B 17 32.51 -0.17 4.37
CA VAL B 17 31.21 0.47 4.44
C VAL B 17 30.02 -0.43 4.21
N VAL B 18 29.12 -0.42 5.19
CA VAL B 18 27.89 -1.19 5.13
C VAL B 18 26.77 -0.17 5.20
N VAL B 19 26.02 -0.01 4.11
CA VAL B 19 24.96 0.97 4.10
C VAL B 19 23.66 0.46 4.70
N ALA B 20 23.13 1.21 5.66
CA ALA B 20 21.88 0.87 6.33
C ALA B 20 20.68 1.24 5.48
N LEU B 21 19.97 0.24 4.99
CA LEU B 21 18.79 0.46 4.17
C LEU B 21 17.58 0.63 5.09
N ASP B 22 17.34 1.88 5.50
CA ASP B 22 16.21 2.20 6.38
C ASP B 22 15.19 3.06 5.64
N TYR B 23 14.42 2.42 4.77
CA TYR B 23 13.41 3.11 3.98
C TYR B 23 12.03 2.54 4.31
N HIS B 24 11.01 3.38 4.22
CA HIS B 24 9.65 2.93 4.48
C HIS B 24 9.01 2.58 3.13
N ASN B 25 9.82 2.60 2.08
CA ASN B 25 9.35 2.30 0.72
C ASN B 25 10.32 1.39 -0.04
N ARG B 26 9.89 0.18 -0.36
CA ARG B 26 10.74 -0.79 -1.05
C ARG B 26 11.42 -0.24 -2.31
N ASP B 27 10.65 0.37 -3.20
CA ASP B 27 11.24 0.93 -4.42
C ASP B 27 12.22 2.07 -4.19
N ASP B 28 11.98 2.91 -3.20
CA ASP B 28 12.93 3.99 -2.93
C ASP B 28 14.28 3.36 -2.60
N ALA B 29 14.23 2.30 -1.81
CA ALA B 29 15.44 1.59 -1.43
C ALA B 29 16.10 0.94 -2.64
N LEU B 30 15.31 0.31 -3.51
CA LEU B 30 15.87 -0.33 -4.69
C LEU B 30 16.43 0.69 -5.69
N ALA B 31 15.83 1.88 -5.72
CA ALA B 31 16.28 2.92 -6.63
C ALA B 31 17.70 3.32 -6.22
N PHE B 32 17.97 3.27 -4.93
CA PHE B 32 19.30 3.60 -4.43
C PHE B 32 20.25 2.44 -4.73
N VAL B 33 19.89 1.25 -4.25
CA VAL B 33 20.70 0.05 -4.46
C VAL B 33 21.10 -0.14 -5.93
N ASP B 34 20.17 0.14 -6.83
CA ASP B 34 20.49 -0.03 -8.24
C ASP B 34 21.49 1.00 -8.75
N LYS B 35 21.62 2.11 -8.04
CA LYS B 35 22.57 3.14 -8.44
C LYS B 35 23.96 2.77 -7.93
N ILE B 36 24.05 1.67 -7.19
CA ILE B 36 25.35 1.25 -6.68
C ILE B 36 25.68 -0.18 -7.12
N ASP B 37 26.79 -0.70 -6.62
CA ASP B 37 27.24 -2.01 -7.03
C ASP B 37 27.82 -2.77 -5.83
N PRO B 38 27.62 -4.09 -5.77
CA PRO B 38 28.12 -4.94 -4.68
C PRO B 38 29.61 -4.74 -4.38
N ARG B 39 30.36 -4.29 -5.39
CA ARG B 39 31.78 -4.06 -5.22
C ARG B 39 32.02 -2.75 -4.48
N ASP B 40 30.99 -1.93 -4.39
CA ASP B 40 31.09 -0.64 -3.71
C ASP B 40 30.86 -0.72 -2.22
N CYS B 41 29.97 -1.61 -1.79
CA CYS B 41 29.66 -1.73 -0.36
C CYS B 41 28.73 -2.90 -0.03
N ARG B 42 28.47 -3.06 1.27
CA ARG B 42 27.57 -4.10 1.74
C ARG B 42 26.31 -3.40 2.22
N LEU B 43 25.21 -4.13 2.36
CA LEU B 43 23.95 -3.56 2.79
C LEU B 43 23.40 -4.16 4.07
N LYS B 44 22.81 -3.32 4.92
CA LYS B 44 22.23 -3.78 6.16
C LYS B 44 20.70 -3.66 6.08
N VAL B 45 20.00 -4.75 6.36
CA VAL B 45 18.53 -4.73 6.34
C VAL B 45 18.12 -4.81 7.80
N GLY B 46 17.50 -3.74 8.30
CA GLY B 46 17.12 -3.70 9.70
C GLY B 46 15.69 -4.09 10.02
N LYS B 47 15.26 -3.73 11.22
CA LYS B 47 13.91 -4.04 11.66
C LYS B 47 12.83 -3.31 10.87
N GLU B 48 13.09 -2.07 10.43
CA GLU B 48 12.10 -1.33 9.66
C GLU B 48 11.76 -2.02 8.34
N MET B 49 12.72 -2.12 7.44
CA MET B 49 12.47 -2.74 6.17
C MET B 49 12.11 -4.21 6.32
N PHE B 50 12.74 -4.90 7.26
CA PHE B 50 12.41 -6.32 7.42
C PHE B 50 10.99 -6.53 7.91
N THR B 51 10.51 -5.66 8.80
CA THR B 51 9.14 -5.80 9.30
C THR B 51 8.17 -5.51 8.16
N LEU B 52 8.56 -4.61 7.28
CA LEU B 52 7.72 -4.23 6.14
C LEU B 52 7.68 -5.23 4.99
N PHE B 53 8.85 -5.71 4.58
CA PHE B 53 8.92 -6.62 3.43
C PHE B 53 9.48 -8.03 3.67
N GLY B 54 9.91 -8.32 4.89
CA GLY B 54 10.42 -9.64 5.21
C GLY B 54 11.58 -10.19 4.41
N PRO B 55 11.85 -11.51 4.53
CA PRO B 55 12.94 -12.22 3.86
C PRO B 55 13.05 -12.06 2.35
N GLN B 56 11.92 -11.86 1.68
CA GLN B 56 11.97 -11.71 0.24
C GLN B 56 12.78 -10.49 -0.18
N PHE B 57 12.72 -9.41 0.61
CA PHE B 57 13.48 -8.22 0.26
C PHE B 57 14.96 -8.57 0.29
N VAL B 58 15.38 -9.27 1.33
CA VAL B 58 16.77 -9.68 1.45
C VAL B 58 17.21 -10.51 0.26
N ARG B 59 16.35 -11.40 -0.20
CA ARG B 59 16.69 -12.23 -1.37
C ARG B 59 16.89 -11.39 -2.63
N GLU B 60 16.04 -10.40 -2.82
CA GLU B 60 16.15 -9.53 -3.99
C GLU B 60 17.47 -8.77 -3.93
N LEU B 61 17.89 -8.37 -2.74
CA LEU B 61 19.16 -7.67 -2.62
C LEU B 61 20.27 -8.67 -2.90
N GLN B 62 20.08 -9.90 -2.42
CA GLN B 62 21.07 -10.94 -2.62
C GLN B 62 21.15 -11.34 -4.09
N GLN B 63 20.00 -11.41 -4.76
CA GLN B 63 20.02 -11.78 -6.15
C GLN B 63 20.86 -10.77 -6.95
N ARG B 64 21.08 -9.58 -6.39
CA ARG B 64 21.88 -8.55 -7.05
C ARG B 64 23.38 -8.69 -6.76
N GLY B 65 23.71 -9.63 -5.88
CA GLY B 65 25.11 -9.87 -5.55
C GLY B 65 25.67 -9.23 -4.29
N PHE B 66 24.84 -8.53 -3.53
CA PHE B 66 25.30 -7.86 -2.31
C PHE B 66 25.40 -8.77 -1.09
N ASP B 67 26.39 -8.51 -0.25
CA ASP B 67 26.51 -9.26 0.98
C ASP B 67 25.50 -8.55 1.89
N ILE B 68 24.57 -9.29 2.47
CA ILE B 68 23.55 -8.67 3.32
C ILE B 68 23.78 -8.89 4.81
N PHE B 69 23.76 -7.81 5.57
CA PHE B 69 23.90 -7.88 7.02
C PHE B 69 22.50 -7.78 7.59
N LEU B 70 21.99 -8.91 8.09
CA LEU B 70 20.67 -8.98 8.67
C LEU B 70 20.77 -8.46 10.09
N ASP B 71 20.20 -7.28 10.33
CA ASP B 71 20.24 -6.65 11.64
C ASP B 71 18.89 -6.61 12.35
N LEU B 72 18.58 -7.69 13.08
CA LEU B 72 17.34 -7.79 13.84
C LEU B 72 17.65 -7.92 15.31
N LYS B 73 18.93 -7.79 15.65
CA LYS B 73 19.37 -7.85 17.03
C LYS B 73 18.58 -8.82 17.91
N PHE B 74 18.56 -10.09 17.52
CA PHE B 74 17.86 -11.11 18.29
C PHE B 74 18.27 -11.01 19.77
N HIS B 75 17.28 -10.83 20.64
CA HIS B 75 17.49 -10.72 22.08
C HIS B 75 16.29 -11.43 22.71
N ASP B 76 16.41 -12.73 22.90
CA ASP B 76 15.31 -13.52 23.42
C ASP B 76 15.84 -14.68 24.24
N ILE B 77 14.95 -15.61 24.57
CA ILE B 77 15.36 -16.77 25.33
C ILE B 77 16.23 -17.64 24.43
N PRO B 78 17.20 -18.34 25.02
CA PRO B 78 18.08 -19.21 24.25
C PRO B 78 17.44 -19.99 23.11
N ASN B 79 16.30 -20.63 23.37
CA ASN B 79 15.63 -21.41 22.32
C ASN B 79 15.23 -20.57 21.11
N THR B 80 14.72 -19.37 21.37
CA THR B 80 14.28 -18.50 20.29
C THR B 80 15.45 -17.90 19.52
N ALA B 81 16.49 -17.52 20.25
CA ALA B 81 17.66 -16.94 19.64
C ALA B 81 18.27 -17.93 18.66
N ALA B 82 18.35 -19.19 19.06
CA ALA B 82 18.92 -20.23 18.23
C ALA B 82 18.14 -20.45 16.94
N HIS B 83 16.82 -20.61 17.06
CA HIS B 83 16.00 -20.84 15.88
C HIS B 83 15.97 -19.63 14.93
N ALA B 84 16.03 -18.43 15.50
CA ALA B 84 16.04 -17.22 14.69
C ALA B 84 17.35 -17.15 13.93
N VAL B 85 18.45 -17.35 14.66
CA VAL B 85 19.76 -17.34 14.03
C VAL B 85 19.83 -18.40 12.94
N ALA B 86 19.28 -19.58 13.22
CA ALA B 86 19.27 -20.65 12.22
C ALA B 86 18.49 -20.20 11.00
N ALA B 87 17.38 -19.51 11.24
CA ALA B 87 16.55 -19.02 10.15
C ALA B 87 17.34 -18.04 9.29
N ALA B 88 18.17 -17.21 9.94
CA ALA B 88 18.98 -16.24 9.23
C ALA B 88 19.98 -16.97 8.35
N ALA B 89 20.56 -18.06 8.88
CA ALA B 89 21.53 -18.83 8.10
C ALA B 89 20.80 -19.45 6.90
N ASP B 90 19.56 -19.88 7.11
CA ASP B 90 18.76 -20.45 6.02
C ASP B 90 18.63 -19.41 4.92
N LEU B 91 18.54 -18.14 5.32
CA LEU B 91 18.41 -17.02 4.39
C LEU B 91 19.72 -16.88 3.62
N GLY B 92 20.78 -17.46 4.17
CA GLY B 92 22.09 -17.39 3.54
C GLY B 92 22.74 -16.02 3.62
N VAL B 93 22.47 -15.28 4.68
CA VAL B 93 23.05 -13.94 4.82
C VAL B 93 24.52 -13.93 5.20
N TRP B 94 25.19 -12.84 4.86
CA TRP B 94 26.61 -12.67 5.14
C TRP B 94 26.87 -12.46 6.62
N MET B 95 26.00 -11.72 7.29
CA MET B 95 26.16 -11.43 8.71
C MET B 95 24.82 -11.31 9.42
N VAL B 96 24.71 -11.93 10.59
CA VAL B 96 23.47 -11.84 11.36
C VAL B 96 23.75 -11.28 12.74
N ASN B 97 22.77 -10.58 13.29
CA ASN B 97 22.86 -9.90 14.58
C ASN B 97 22.29 -10.58 15.82
N VAL B 98 22.74 -10.11 16.98
CA VAL B 98 22.30 -10.61 18.29
C VAL B 98 22.68 -9.58 19.36
N HIS B 99 21.90 -9.53 20.43
CA HIS B 99 22.16 -8.60 21.53
C HIS B 99 23.00 -9.29 22.61
N ALA B 100 24.19 -8.76 22.86
CA ALA B 100 25.07 -9.34 23.88
C ALA B 100 24.41 -9.35 25.26
N SER B 101 23.66 -8.29 25.56
CA SER B 101 23.00 -8.21 26.86
C SER B 101 21.98 -9.33 27.03
N GLY B 102 21.90 -10.19 26.02
CA GLY B 102 21.00 -11.32 26.08
C GLY B 102 21.57 -12.45 26.93
N GLY B 103 22.83 -12.28 27.35
CA GLY B 103 23.46 -13.29 28.18
C GLY B 103 24.31 -14.32 27.47
N ALA B 104 25.10 -15.03 28.27
CA ALA B 104 25.99 -16.07 27.78
C ALA B 104 25.25 -17.29 27.24
N ARG B 105 24.23 -17.74 27.97
CA ARG B 105 23.47 -18.92 27.53
C ARG B 105 22.81 -18.65 26.19
N MET B 106 22.24 -17.46 26.02
CA MET B 106 21.59 -17.13 24.77
C MET B 106 22.60 -17.06 23.63
N MET B 107 23.71 -16.35 23.84
CA MET B 107 24.71 -16.23 22.78
C MET B 107 25.33 -17.57 22.46
N THR B 108 25.44 -18.43 23.46
CA THR B 108 26.01 -19.75 23.28
C THR B 108 25.07 -20.58 22.41
N ALA B 109 23.78 -20.45 22.66
CA ALA B 109 22.80 -21.19 21.88
C ALA B 109 22.87 -20.74 20.41
N ALA B 110 23.04 -19.43 20.21
CA ALA B 110 23.13 -18.86 18.88
C ALA B 110 24.33 -19.42 18.12
N ARG B 111 25.50 -19.42 18.75
CA ARG B 111 26.68 -19.93 18.09
C ARG B 111 26.48 -21.40 17.71
N GLU B 112 25.93 -22.18 18.63
CA GLU B 112 25.72 -23.60 18.38
C GLU B 112 24.72 -23.89 17.28
N ALA B 113 23.72 -23.02 17.13
CA ALA B 113 22.72 -23.21 16.10
C ALA B 113 23.30 -23.00 14.68
N LEU B 114 24.51 -22.43 14.60
CA LEU B 114 25.15 -22.19 13.32
C LEU B 114 26.12 -23.29 12.92
N VAL B 115 26.46 -24.17 13.87
CA VAL B 115 27.36 -25.27 13.58
C VAL B 115 26.85 -26.18 12.44
N PRO B 116 25.54 -26.49 12.41
CA PRO B 116 25.06 -27.35 11.32
C PRO B 116 25.10 -26.72 9.94
N PHE B 117 25.47 -25.44 9.87
CA PHE B 117 25.55 -24.76 8.57
C PHE B 117 26.97 -24.76 8.02
N GLY B 118 27.92 -25.27 8.80
CA GLY B 118 29.29 -25.34 8.38
C GLY B 118 29.85 -24.03 7.84
N LYS B 119 30.58 -24.15 6.74
CA LYS B 119 31.20 -23.01 6.06
C LYS B 119 30.19 -21.92 5.71
N ASP B 120 28.95 -22.33 5.41
CA ASP B 120 27.88 -21.40 5.05
C ASP B 120 27.39 -20.50 6.18
N ALA B 121 27.72 -20.85 7.41
CA ALA B 121 27.30 -20.05 8.54
C ALA B 121 27.66 -18.58 8.35
N PRO B 122 26.70 -17.70 8.62
CA PRO B 122 27.00 -16.27 8.46
C PRO B 122 27.86 -15.81 9.64
N LEU B 123 28.39 -14.59 9.55
CA LEU B 123 29.16 -14.05 10.65
C LEU B 123 28.17 -13.75 11.76
N LEU B 124 28.52 -14.10 12.99
CA LEU B 124 27.65 -13.88 14.12
C LEU B 124 28.26 -12.80 15.02
N ILE B 125 27.53 -11.71 15.20
CA ILE B 125 28.03 -10.60 16.00
C ILE B 125 27.02 -10.21 17.07
N ALA B 126 27.54 -9.72 18.19
CA ALA B 126 26.70 -9.30 19.30
C ALA B 126 26.74 -7.77 19.48
N VAL B 127 25.57 -7.18 19.69
CA VAL B 127 25.49 -5.74 19.90
C VAL B 127 25.82 -5.52 21.36
N THR B 128 26.70 -4.56 21.62
CA THR B 128 27.08 -4.25 22.98
C THR B 128 26.15 -3.15 23.46
N VAL B 129 26.63 -1.92 23.51
CA VAL B 129 25.79 -0.79 23.92
C VAL B 129 25.49 0.01 22.66
N LEU B 130 24.21 0.30 22.43
CA LEU B 130 23.77 1.07 21.27
C LEU B 130 24.42 2.47 21.21
N THR B 131 24.91 2.84 20.03
CA THR B 131 25.55 4.14 19.83
C THR B 131 24.70 5.36 20.18
N SER B 132 23.39 5.15 20.31
CA SER B 132 22.48 6.23 20.65
C SER B 132 22.39 6.47 22.16
N MET B 133 23.14 5.70 22.94
CA MET B 133 23.10 5.82 24.39
C MET B 133 24.35 6.41 25.05
N GLU B 134 24.12 7.15 26.12
CA GLU B 134 25.18 7.77 26.92
C GLU B 134 24.92 7.34 28.36
N ALA B 135 25.80 7.73 29.28
CA ALA B 135 25.62 7.36 30.68
C ALA B 135 24.18 7.55 31.15
N SER B 136 23.65 8.75 30.96
CA SER B 136 22.29 9.05 31.38
C SER B 136 21.28 7.99 30.95
N ASP B 137 21.35 7.57 29.69
CA ASP B 137 20.41 6.56 29.21
C ASP B 137 20.50 5.26 29.98
N LEU B 138 21.71 4.90 30.41
CA LEU B 138 21.91 3.66 31.14
C LEU B 138 21.47 3.80 32.61
N VAL B 139 21.64 4.99 33.17
CA VAL B 139 21.26 5.24 34.55
C VAL B 139 19.83 4.79 34.85
N ASP B 140 18.92 5.07 33.91
CA ASP B 140 17.53 4.70 34.11
C ASP B 140 17.38 3.20 34.29
N LEU B 141 18.21 2.44 33.59
CA LEU B 141 18.16 0.99 33.65
C LEU B 141 18.77 0.43 34.92
N GLY B 142 19.42 1.28 35.71
CA GLY B 142 20.04 0.83 36.92
C GLY B 142 21.48 0.44 36.66
N MET B 143 21.95 0.72 35.45
CA MET B 143 23.32 0.41 35.05
C MET B 143 24.25 1.56 35.44
N THR B 144 25.16 1.29 36.37
CA THR B 144 26.11 2.29 36.83
C THR B 144 27.38 2.43 35.99
N LEU B 145 27.74 1.38 35.25
CA LEU B 145 28.94 1.41 34.40
C LEU B 145 28.75 2.35 33.22
N SER B 146 29.82 3.01 32.78
CA SER B 146 29.77 3.92 31.65
C SER B 146 29.50 3.18 30.34
N PRO B 147 28.98 3.87 29.33
CA PRO B 147 28.72 3.19 28.05
C PRO B 147 29.94 2.42 27.60
N ALA B 148 31.12 2.98 27.85
CA ALA B 148 32.36 2.34 27.46
C ALA B 148 32.59 1.04 28.23
N ASP B 149 32.59 1.13 29.55
CA ASP B 149 32.83 -0.04 30.39
C ASP B 149 31.76 -1.12 30.26
N TYR B 150 30.50 -0.72 30.18
CA TYR B 150 29.44 -1.70 30.04
C TYR B 150 29.61 -2.41 28.70
N ALA B 151 29.95 -1.64 27.67
CA ALA B 151 30.17 -2.19 26.35
C ALA B 151 31.33 -3.18 26.37
N GLU B 152 32.43 -2.78 26.99
CA GLU B 152 33.58 -3.66 27.04
C GLU B 152 33.24 -4.96 27.74
N ARG B 153 32.40 -4.86 28.77
CA ARG B 153 32.00 -6.04 29.50
C ARG B 153 31.19 -6.96 28.57
N LEU B 154 30.25 -6.35 27.84
CA LEU B 154 29.41 -7.09 26.89
C LEU B 154 30.25 -7.69 25.76
N ALA B 155 31.35 -7.02 25.41
CA ALA B 155 32.21 -7.52 24.33
C ALA B 155 33.04 -8.69 24.84
N ALA B 156 33.42 -8.63 26.10
CA ALA B 156 34.22 -9.70 26.70
C ALA B 156 33.37 -10.97 26.77
N LEU B 157 32.13 -10.82 27.19
CA LEU B 157 31.24 -11.98 27.29
C LEU B 157 30.98 -12.56 25.92
N THR B 158 30.87 -11.68 24.92
CA THR B 158 30.61 -12.08 23.54
C THR B 158 31.76 -12.94 23.01
N GLN B 159 32.99 -12.55 23.33
CA GLN B 159 34.15 -13.29 22.88
C GLN B 159 34.24 -14.63 23.61
N LYS B 160 34.01 -14.61 24.92
CA LYS B 160 34.07 -15.83 25.71
C LYS B 160 33.07 -16.87 25.18
N CYS B 161 31.96 -16.39 24.62
CA CYS B 161 30.95 -17.28 24.07
C CYS B 161 31.26 -17.75 22.66
N GLY B 162 32.40 -17.30 22.13
CA GLY B 162 32.81 -17.71 20.81
C GLY B 162 32.23 -17.00 19.60
N LEU B 163 31.68 -15.79 19.78
CA LEU B 163 31.12 -15.09 18.62
C LEU B 163 32.24 -14.47 17.76
N ASP B 164 31.88 -14.06 16.55
CA ASP B 164 32.82 -13.51 15.60
C ASP B 164 33.19 -12.06 15.82
N GLY B 165 32.42 -11.36 16.64
CA GLY B 165 32.73 -9.98 16.87
C GLY B 165 31.59 -9.26 17.54
N VAL B 166 31.74 -7.95 17.64
CA VAL B 166 30.76 -7.13 18.32
C VAL B 166 30.32 -5.92 17.51
N VAL B 167 29.16 -5.38 17.87
CA VAL B 167 28.67 -4.16 17.23
C VAL B 167 28.85 -3.12 18.34
N CYS B 168 29.48 -1.99 18.02
CA CYS B 168 29.70 -0.97 19.03
C CYS B 168 29.91 0.38 18.40
N SER B 169 30.42 1.31 19.20
CA SER B 169 30.70 2.67 18.75
C SER B 169 32.16 2.69 18.33
N ALA B 170 32.52 3.62 17.44
CA ALA B 170 33.90 3.74 17.02
C ALA B 170 34.69 4.33 18.20
N GLN B 171 33.97 4.89 19.16
CA GLN B 171 34.61 5.45 20.35
C GLN B 171 35.26 4.35 21.19
N GLU B 172 34.86 3.11 20.95
CA GLU B 172 35.39 1.96 21.69
C GLU B 172 36.37 1.12 20.87
N ALA B 173 36.41 1.35 19.56
CA ALA B 173 37.28 0.59 18.68
C ALA B 173 38.72 0.49 19.16
N VAL B 174 39.36 1.61 19.42
CA VAL B 174 40.74 1.57 19.87
C VAL B 174 40.90 0.62 21.04
N ARG B 175 40.16 0.89 22.11
CA ARG B 175 40.20 0.08 23.32
C ARG B 175 39.93 -1.40 23.04
N PHE B 176 38.79 -1.68 22.42
CA PHE B 176 38.42 -3.05 22.11
C PHE B 176 39.50 -3.76 21.32
N LYS B 177 39.92 -3.15 20.23
CA LYS B 177 40.95 -3.74 19.39
C LYS B 177 42.17 -4.21 20.18
N GLN B 178 42.63 -3.41 21.14
CA GLN B 178 43.80 -3.78 21.91
C GLN B 178 43.52 -4.73 23.07
N VAL B 179 42.25 -4.88 23.42
CA VAL B 179 41.86 -5.76 24.51
C VAL B 179 41.32 -7.10 24.00
N PHE B 180 40.82 -7.13 22.77
CA PHE B 180 40.27 -8.37 22.23
C PHE B 180 41.04 -8.91 21.03
N GLY B 181 41.95 -8.10 20.50
CA GLY B 181 42.74 -8.53 19.37
C GLY B 181 42.14 -8.13 18.02
N GLN B 182 42.98 -8.14 16.99
CA GLN B 182 42.57 -7.77 15.65
C GLN B 182 41.53 -8.71 15.05
N GLU B 183 41.60 -9.99 15.42
CA GLU B 183 40.66 -11.00 14.92
C GLU B 183 39.22 -10.62 15.25
N PHE B 184 38.97 -10.31 16.51
CA PHE B 184 37.62 -9.94 16.96
C PHE B 184 37.12 -8.78 16.10
N LYS B 185 36.06 -9.03 15.34
CA LYS B 185 35.50 -8.05 14.44
C LYS B 185 34.64 -6.95 15.07
N LEU B 186 34.90 -5.71 14.65
CA LEU B 186 34.15 -4.58 15.17
C LEU B 186 33.32 -3.92 14.06
N VAL B 187 32.01 -3.88 14.29
CA VAL B 187 31.07 -3.27 13.35
C VAL B 187 30.56 -2.02 14.08
N THR B 188 30.73 -0.85 13.48
CA THR B 188 30.32 0.35 14.17
C THR B 188 29.46 1.38 13.47
N PRO B 189 28.26 1.63 14.01
CA PRO B 189 27.35 2.61 13.42
C PRO B 189 27.72 3.91 14.15
N GLY B 190 26.88 4.93 14.04
CA GLY B 190 27.21 6.19 14.69
C GLY B 190 28.29 6.89 13.90
N ILE B 191 28.22 6.74 12.58
CA ILE B 191 29.18 7.35 11.66
C ILE B 191 28.55 8.62 11.11
N ARG B 192 29.18 9.75 11.40
CA ARG B 192 28.67 11.03 10.93
C ARG B 192 29.75 11.91 10.32
N PRO B 193 29.72 12.12 9.00
CA PRO B 193 30.77 12.97 8.43
C PRO B 193 30.43 14.42 8.83
N GLN B 194 31.45 15.18 9.22
CA GLN B 194 31.24 16.57 9.63
C GLN B 194 30.23 17.30 8.75
N GLY B 195 29.27 17.97 9.39
CA GLY B 195 28.27 18.71 8.65
C GLY B 195 26.92 18.02 8.70
N SER B 196 26.94 16.69 8.69
CA SER B 196 25.70 15.92 8.74
C SER B 196 25.05 15.95 10.12
N GLU B 197 23.76 15.67 10.14
CA GLU B 197 22.96 15.67 11.36
C GLU B 197 23.28 14.47 12.26
N ALA B 198 23.34 14.70 13.57
CA ALA B 198 23.62 13.64 14.54
C ALA B 198 22.35 12.81 14.77
N GLY B 199 21.22 13.49 14.93
CA GLY B 199 19.97 12.80 15.16
C GLY B 199 19.92 12.24 16.57
N ASP B 200 19.58 10.96 16.68
CA ASP B 200 19.49 10.28 17.96
C ASP B 200 20.79 9.55 18.27
N GLN B 201 21.76 9.71 17.38
CA GLN B 201 23.07 9.09 17.51
C GLN B 201 23.84 9.89 18.57
N ARG B 202 24.61 9.22 19.41
CA ARG B 202 25.35 9.91 20.48
C ARG B 202 26.85 9.67 20.51
N ARG B 203 27.27 8.42 20.40
CA ARG B 203 28.70 8.10 20.42
C ARG B 203 29.14 7.95 18.96
N ILE B 204 29.31 9.10 18.31
CA ILE B 204 29.67 9.13 16.90
C ILE B 204 31.12 9.41 16.57
N MET B 205 31.44 9.22 15.30
CA MET B 205 32.77 9.43 14.76
C MET B 205 32.62 9.54 13.25
N THR B 206 33.52 10.26 12.60
CA THR B 206 33.45 10.41 11.15
C THR B 206 34.03 9.15 10.53
N PRO B 207 33.67 8.86 9.27
CA PRO B 207 34.17 7.66 8.57
C PRO B 207 35.69 7.52 8.72
N GLU B 208 36.39 8.61 8.41
CA GLU B 208 37.84 8.65 8.49
C GLU B 208 38.31 8.32 9.89
N GLN B 209 37.67 8.92 10.90
CA GLN B 209 38.05 8.67 12.29
C GLN B 209 37.79 7.23 12.66
N ALA B 210 36.63 6.72 12.25
CA ALA B 210 36.28 5.33 12.53
C ALA B 210 37.34 4.41 11.95
N LEU B 211 37.75 4.65 10.71
CA LEU B 211 38.77 3.81 10.07
C LEU B 211 40.05 3.85 10.88
N SER B 212 40.50 5.06 11.19
CA SER B 212 41.71 5.28 11.96
C SER B 212 41.59 4.58 13.32
N ALA B 213 40.37 4.51 13.84
CA ALA B 213 40.10 3.87 15.13
C ALA B 213 40.25 2.34 15.06
N GLY B 214 40.26 1.79 13.85
CA GLY B 214 40.43 0.36 13.69
C GLY B 214 39.20 -0.49 13.48
N VAL B 215 38.04 0.12 13.29
CA VAL B 215 36.83 -0.65 13.06
C VAL B 215 37.02 -1.54 11.84
N ASP B 216 36.34 -2.69 11.80
CA ASP B 216 36.45 -3.59 10.67
C ASP B 216 35.41 -3.22 9.62
N TYR B 217 34.25 -2.81 10.10
CA TYR B 217 33.16 -2.39 9.22
C TYR B 217 32.47 -1.21 9.89
N MET B 218 31.95 -0.28 9.09
CA MET B 218 31.24 0.86 9.63
C MET B 218 29.87 0.92 8.97
N VAL B 219 28.85 1.21 9.78
CA VAL B 219 27.50 1.27 9.25
C VAL B 219 27.08 2.71 9.09
N ILE B 220 26.65 3.06 7.88
CA ILE B 220 26.23 4.42 7.60
C ILE B 220 24.83 4.42 6.99
N GLY B 221 23.90 5.14 7.62
CA GLY B 221 22.55 5.20 7.12
C GLY B 221 22.20 6.55 6.53
N ARG B 222 21.51 7.37 7.31
CA ARG B 222 21.08 8.69 6.87
C ARG B 222 22.12 9.56 6.15
N PRO B 223 23.37 9.57 6.63
CA PRO B 223 24.38 10.39 5.95
C PRO B 223 24.44 10.05 4.47
N VAL B 224 24.15 8.79 4.15
CA VAL B 224 24.16 8.33 2.77
C VAL B 224 22.79 8.36 2.12
N THR B 225 21.86 7.55 2.62
CA THR B 225 20.51 7.46 2.05
C THR B 225 19.76 8.79 1.96
N GLN B 226 19.97 9.66 2.92
CA GLN B 226 19.30 10.94 2.92
C GLN B 226 20.10 12.12 2.34
N SER B 227 21.24 11.83 1.73
CA SER B 227 22.06 12.90 1.14
C SER B 227 21.45 13.31 -0.20
N VAL B 228 21.78 14.50 -0.69
CA VAL B 228 21.22 14.97 -1.96
C VAL B 228 21.60 14.10 -3.15
N ASP B 229 22.66 13.31 -3.00
CA ASP B 229 23.09 12.39 -4.04
C ASP B 229 23.84 11.26 -3.34
N PRO B 230 23.09 10.28 -2.80
CA PRO B 230 23.67 9.14 -2.09
C PRO B 230 24.78 8.39 -2.80
N ALA B 231 24.66 8.17 -4.11
CA ALA B 231 25.70 7.46 -4.83
C ALA B 231 27.05 8.17 -4.72
N GLN B 232 27.06 9.48 -4.97
CA GLN B 232 28.28 10.28 -4.91
C GLN B 232 28.79 10.39 -3.47
N THR B 233 27.86 10.37 -2.52
CA THR B 233 28.24 10.45 -1.11
C THR B 233 29.00 9.18 -0.74
N LEU B 234 28.52 8.03 -1.22
CA LEU B 234 29.15 6.74 -0.97
C LEU B 234 30.54 6.81 -1.61
N LYS B 235 30.57 7.28 -2.85
CA LYS B 235 31.80 7.41 -3.59
C LYS B 235 32.77 8.30 -2.81
N ALA B 236 32.28 9.46 -2.37
CA ALA B 236 33.10 10.39 -1.60
C ALA B 236 33.71 9.67 -0.40
N ILE B 237 32.85 9.10 0.44
CA ILE B 237 33.31 8.40 1.63
C ILE B 237 34.34 7.33 1.28
N ASN B 238 33.98 6.40 0.39
CA ASN B 238 34.92 5.35 0.00
C ASN B 238 36.26 5.94 -0.40
N ALA B 239 36.25 7.02 -1.17
CA ALA B 239 37.50 7.63 -1.59
C ALA B 239 38.23 8.19 -0.38
N SER B 240 37.49 8.73 0.58
CA SER B 240 38.09 9.30 1.79
C SER B 240 38.83 8.20 2.56
N LEU B 241 38.24 7.02 2.60
CA LEU B 241 38.85 5.91 3.31
C LEU B 241 40.04 5.34 2.54
N GLN B 242 40.78 6.21 1.87
CA GLN B 242 41.96 5.80 1.10
C GLN B 242 43.02 6.90 0.97
N VAL C 12 -32.18 -11.19 -27.86
CA VAL C 12 -33.14 -10.54 -26.96
C VAL C 12 -33.61 -11.48 -25.85
N THR C 13 -33.86 -10.87 -24.69
CA THR C 13 -34.35 -11.57 -23.51
C THR C 13 -35.45 -10.69 -22.95
N ASN C 14 -36.18 -11.21 -21.96
CA ASN C 14 -37.24 -10.42 -21.35
C ASN C 14 -36.83 -10.02 -19.95
N SER C 15 -35.75 -10.62 -19.48
CA SER C 15 -35.26 -10.28 -18.17
C SER C 15 -34.75 -8.86 -18.22
N PRO C 16 -34.96 -8.09 -17.14
CA PRO C 16 -34.49 -6.70 -17.08
C PRO C 16 -33.08 -6.68 -16.51
N VAL C 17 -32.53 -7.86 -16.29
CA VAL C 17 -31.20 -7.97 -15.71
C VAL C 17 -30.03 -7.80 -16.65
N VAL C 18 -29.06 -7.01 -16.20
CA VAL C 18 -27.83 -6.76 -16.92
C VAL C 18 -26.73 -7.06 -15.90
N VAL C 19 -26.05 -8.19 -16.09
CA VAL C 19 -25.00 -8.58 -15.18
C VAL C 19 -23.71 -7.85 -15.50
N ALA C 20 -23.13 -7.22 -14.48
CA ALA C 20 -21.88 -6.50 -14.67
C ALA C 20 -20.72 -7.47 -14.65
N LEU C 21 -20.01 -7.54 -15.77
CA LEU C 21 -18.85 -8.42 -15.84
C LEU C 21 -17.65 -7.62 -15.37
N ASP C 22 -17.33 -7.75 -14.08
CA ASP C 22 -16.20 -7.02 -13.53
C ASP C 22 -15.10 -7.97 -13.05
N TYR C 23 -14.46 -8.65 -13.99
CA TYR C 23 -13.39 -9.58 -13.70
C TYR C 23 -12.06 -9.06 -14.19
N HIS C 24 -11.00 -9.37 -13.44
CA HIS C 24 -9.65 -8.96 -13.83
C HIS C 24 -9.05 -10.13 -14.63
N ASN C 25 -9.81 -11.22 -14.74
CA ASN C 25 -9.38 -12.43 -15.43
C ASN C 25 -10.39 -12.78 -16.53
N ARG C 26 -9.95 -12.83 -17.78
CA ARG C 26 -10.85 -13.14 -18.89
C ARG C 26 -11.41 -14.55 -18.82
N ASP C 27 -10.60 -15.51 -18.38
CA ASP C 27 -11.06 -16.89 -18.29
C ASP C 27 -12.21 -17.02 -17.29
N ASP C 28 -12.03 -16.47 -16.10
CA ASP C 28 -13.08 -16.51 -15.09
C ASP C 28 -14.35 -15.97 -15.74
N ALA C 29 -14.22 -14.82 -16.39
CA ALA C 29 -15.33 -14.16 -17.05
C ALA C 29 -16.07 -15.08 -18.01
N LEU C 30 -15.35 -15.67 -18.96
CA LEU C 30 -16.00 -16.54 -19.93
C LEU C 30 -16.50 -17.82 -19.27
N ALA C 31 -15.91 -18.16 -18.14
CA ALA C 31 -16.32 -19.36 -17.42
C ALA C 31 -17.75 -19.14 -16.95
N PHE C 32 -18.06 -17.90 -16.58
CA PHE C 32 -19.40 -17.57 -16.12
C PHE C 32 -20.36 -17.44 -17.31
N VAL C 33 -19.98 -16.64 -18.29
CA VAL C 33 -20.81 -16.43 -19.48
C VAL C 33 -21.25 -17.74 -20.11
N ASP C 34 -20.33 -18.70 -20.19
CA ASP C 34 -20.65 -19.98 -20.79
C ASP C 34 -21.74 -20.76 -20.06
N LYS C 35 -22.03 -20.36 -18.82
CA LYS C 35 -23.06 -21.03 -18.03
C LYS C 35 -24.44 -20.41 -18.20
N ILE C 36 -24.49 -19.27 -18.90
CA ILE C 36 -25.76 -18.61 -19.13
C ILE C 36 -26.00 -18.52 -20.62
N ASP C 37 -27.12 -17.93 -21.01
CA ASP C 37 -27.48 -17.81 -22.41
C ASP C 37 -28.02 -16.41 -22.73
N PRO C 38 -27.82 -15.93 -23.96
CA PRO C 38 -28.29 -14.61 -24.36
C PRO C 38 -29.72 -14.30 -23.96
N ARG C 39 -30.58 -15.32 -23.94
CA ARG C 39 -31.99 -15.10 -23.58
C ARG C 39 -32.23 -14.95 -22.09
N ASP C 40 -31.24 -15.25 -21.26
CA ASP C 40 -31.42 -15.15 -19.82
C ASP C 40 -31.20 -13.73 -19.28
N CYS C 41 -30.26 -13.03 -19.88
CA CYS C 41 -29.96 -11.68 -19.44
C CYS C 41 -29.05 -10.98 -20.44
N ARG C 42 -28.70 -9.74 -20.12
CA ARG C 42 -27.79 -8.97 -20.95
C ARG C 42 -26.53 -8.78 -20.12
N LEU C 43 -25.42 -8.46 -20.79
CA LEU C 43 -24.15 -8.29 -20.11
C LEU C 43 -23.59 -6.87 -20.23
N LYS C 44 -22.92 -6.43 -19.16
CA LYS C 44 -22.34 -5.11 -19.10
C LYS C 44 -20.81 -5.19 -19.03
N VAL C 45 -20.12 -4.58 -19.99
CA VAL C 45 -18.65 -4.57 -19.99
C VAL C 45 -18.22 -3.18 -19.55
N GLY C 46 -17.55 -3.11 -18.41
CA GLY C 46 -17.14 -1.83 -17.89
C GLY C 46 -15.70 -1.43 -18.07
N LYS C 47 -15.29 -0.41 -17.33
CA LYS C 47 -13.95 0.11 -17.40
C LYS C 47 -12.86 -0.89 -17.06
N GLU C 48 -13.12 -1.76 -16.08
CA GLU C 48 -12.12 -2.74 -15.71
C GLU C 48 -11.79 -3.68 -16.85
N MET C 49 -12.80 -4.41 -17.33
CA MET C 49 -12.55 -5.37 -18.40
C MET C 49 -12.23 -4.75 -19.76
N PHE C 50 -12.69 -3.54 -19.99
CA PHE C 50 -12.41 -2.91 -21.27
C PHE C 50 -10.97 -2.41 -21.30
N THR C 51 -10.49 -1.92 -20.16
CA THR C 51 -9.13 -1.41 -20.07
C THR C 51 -8.19 -2.59 -20.27
N LEU C 52 -8.59 -3.72 -19.70
CA LEU C 52 -7.81 -4.95 -19.75
C LEU C 52 -7.89 -5.71 -21.08
N PHE C 53 -9.11 -5.87 -21.61
CA PHE C 53 -9.28 -6.64 -22.84
C PHE C 53 -9.77 -5.93 -24.09
N GLY C 54 -10.14 -4.67 -23.94
CA GLY C 54 -10.59 -3.90 -25.09
C GLY C 54 -11.84 -4.39 -25.80
N PRO C 55 -12.15 -3.81 -26.96
CA PRO C 55 -13.31 -4.12 -27.81
C PRO C 55 -13.42 -5.56 -28.31
N GLN C 56 -12.31 -6.26 -28.45
CA GLN C 56 -12.39 -7.63 -28.93
C GLN C 56 -13.17 -8.50 -27.94
N PHE C 57 -13.02 -8.23 -26.65
CA PHE C 57 -13.75 -9.01 -25.66
C PHE C 57 -15.24 -8.81 -25.88
N VAL C 58 -15.61 -7.58 -26.25
CA VAL C 58 -17.00 -7.27 -26.52
C VAL C 58 -17.46 -8.08 -27.71
N ARG C 59 -16.62 -8.15 -28.75
CA ARG C 59 -16.96 -8.91 -29.95
C ARG C 59 -17.13 -10.40 -29.67
N GLU C 60 -16.39 -10.90 -28.68
CA GLU C 60 -16.48 -12.32 -28.33
C GLU C 60 -17.84 -12.60 -27.70
N LEU C 61 -18.26 -11.70 -26.80
CA LEU C 61 -19.53 -11.82 -26.10
C LEU C 61 -20.67 -11.69 -27.10
N GLN C 62 -20.49 -10.82 -28.08
CA GLN C 62 -21.52 -10.61 -29.09
C GLN C 62 -21.59 -11.80 -30.03
N GLN C 63 -20.46 -12.49 -30.19
CA GLN C 63 -20.40 -13.66 -31.05
C GLN C 63 -21.40 -14.70 -30.51
N ARG C 64 -21.47 -14.78 -29.18
CA ARG C 64 -22.37 -15.72 -28.51
C ARG C 64 -23.83 -15.25 -28.61
N GLY C 65 -24.02 -14.01 -29.05
CA GLY C 65 -25.36 -13.47 -29.21
C GLY C 65 -25.89 -12.62 -28.07
N PHE C 66 -25.01 -12.10 -27.22
CA PHE C 66 -25.49 -11.27 -26.11
C PHE C 66 -25.67 -9.81 -26.51
N ASP C 67 -26.57 -9.13 -25.81
CA ASP C 67 -26.78 -7.70 -26.04
C ASP C 67 -25.78 -7.09 -25.07
N ILE C 68 -24.87 -6.27 -25.58
CA ILE C 68 -23.87 -5.68 -24.70
C ILE C 68 -24.08 -4.21 -24.37
N PHE C 69 -23.92 -3.88 -23.09
CA PHE C 69 -24.02 -2.51 -22.63
C PHE C 69 -22.58 -2.06 -22.39
N LEU C 70 -22.03 -1.30 -23.33
CA LEU C 70 -20.66 -0.83 -23.17
C LEU C 70 -20.72 0.26 -22.12
N ASP C 71 -20.13 -0.03 -20.96
CA ASP C 71 -20.16 0.93 -19.87
C ASP C 71 -18.84 1.64 -19.64
N LEU C 72 -18.57 2.67 -20.43
CA LEU C 72 -17.32 3.43 -20.26
C LEU C 72 -17.59 4.84 -19.76
N LYS C 73 -18.85 5.14 -19.46
CA LYS C 73 -19.26 6.44 -18.94
C LYS C 73 -18.46 7.61 -19.53
N PHE C 74 -18.58 7.83 -20.83
CA PHE C 74 -17.88 8.91 -21.50
C PHE C 74 -18.19 10.24 -20.82
N HIS C 75 -17.14 10.91 -20.36
CA HIS C 75 -17.27 12.19 -19.69
C HIS C 75 -16.10 13.03 -20.18
N ASP C 76 -16.29 13.72 -21.31
CA ASP C 76 -15.21 14.49 -21.93
C ASP C 76 -15.71 15.71 -22.73
N ILE C 77 -14.83 16.31 -23.53
CA ILE C 77 -15.27 17.45 -24.33
C ILE C 77 -16.20 16.88 -25.39
N PRO C 78 -17.13 17.70 -25.88
CA PRO C 78 -18.08 17.25 -26.90
C PRO C 78 -17.46 16.45 -28.03
N ASN C 79 -16.35 16.95 -28.56
CA ASN C 79 -15.66 16.29 -29.66
C ASN C 79 -15.30 14.84 -29.34
N THR C 80 -14.62 14.65 -28.20
CA THR C 80 -14.20 13.33 -27.77
C THR C 80 -15.41 12.45 -27.45
N ALA C 81 -16.38 13.01 -26.74
CA ALA C 81 -17.59 12.26 -26.40
C ALA C 81 -18.29 11.78 -27.68
N ALA C 82 -18.36 12.66 -28.67
CA ALA C 82 -19.01 12.34 -29.93
C ALA C 82 -18.32 11.21 -30.67
N HIS C 83 -16.99 11.28 -30.78
CA HIS C 83 -16.25 10.24 -31.48
C HIS C 83 -16.21 8.91 -30.73
N ALA C 84 -16.24 8.98 -29.40
CA ALA C 84 -16.23 7.76 -28.58
C ALA C 84 -17.55 7.01 -28.73
N VAL C 85 -18.65 7.76 -28.64
CA VAL C 85 -19.97 7.18 -28.81
C VAL C 85 -20.06 6.51 -30.18
N ALA C 86 -19.54 7.20 -31.20
CA ALA C 86 -19.56 6.68 -32.55
C ALA C 86 -18.72 5.40 -32.60
N ALA C 87 -17.61 5.38 -31.87
CA ALA C 87 -16.75 4.20 -31.85
C ALA C 87 -17.56 3.04 -31.28
N ALA C 88 -18.27 3.29 -30.19
CA ALA C 88 -19.10 2.28 -29.56
C ALA C 88 -20.15 1.81 -30.55
N ALA C 89 -20.68 2.74 -31.34
CA ALA C 89 -21.69 2.41 -32.34
C ALA C 89 -21.10 1.51 -33.43
N ASP C 90 -19.81 1.69 -33.70
CA ASP C 90 -19.13 0.86 -34.69
C ASP C 90 -19.06 -0.54 -34.12
N LEU C 91 -18.81 -0.62 -32.82
CA LEU C 91 -18.70 -1.89 -32.13
C LEU C 91 -20.03 -2.64 -32.18
N GLY C 92 -21.10 -1.92 -32.51
CA GLY C 92 -22.41 -2.52 -32.61
C GLY C 92 -23.01 -2.93 -31.27
N VAL C 93 -22.66 -2.23 -30.20
CA VAL C 93 -23.21 -2.55 -28.90
C VAL C 93 -24.70 -2.23 -28.79
N TRP C 94 -25.34 -2.83 -27.79
CA TRP C 94 -26.76 -2.67 -27.56
C TRP C 94 -27.09 -1.37 -26.86
N MET C 95 -26.19 -0.93 -25.99
CA MET C 95 -26.37 0.28 -25.22
C MET C 95 -25.01 0.88 -24.87
N VAL C 96 -24.94 2.20 -24.85
CA VAL C 96 -23.69 2.86 -24.51
C VAL C 96 -23.90 3.96 -23.47
N ASN C 97 -22.87 4.19 -22.67
CA ASN C 97 -22.89 5.16 -21.59
C ASN C 97 -22.31 6.55 -21.86
N VAL C 98 -22.66 7.47 -20.98
CA VAL C 98 -22.22 8.86 -21.01
C VAL C 98 -22.63 9.50 -19.68
N HIS C 99 -21.77 10.35 -19.11
CA HIS C 99 -22.06 11.05 -17.85
C HIS C 99 -22.89 12.31 -18.14
N ALA C 100 -24.01 12.47 -17.44
CA ALA C 100 -24.86 13.64 -17.67
C ALA C 100 -24.21 14.92 -17.15
N SER C 101 -23.32 14.79 -16.16
CA SER C 101 -22.66 15.95 -15.59
C SER C 101 -21.66 16.52 -16.57
N GLY C 102 -21.62 15.95 -17.78
CA GLY C 102 -20.72 16.43 -18.80
C GLY C 102 -21.36 17.59 -19.55
N GLY C 103 -22.58 17.95 -19.16
CA GLY C 103 -23.25 19.07 -19.80
C GLY C 103 -24.08 18.78 -21.02
N ALA C 104 -24.88 19.78 -21.39
CA ALA C 104 -25.78 19.71 -22.54
C ALA C 104 -25.05 19.63 -23.87
N ARG C 105 -24.01 20.44 -24.03
CA ARG C 105 -23.26 20.43 -25.28
C ARG C 105 -22.66 19.05 -25.56
N MET C 106 -22.05 18.45 -24.53
CA MET C 106 -21.44 17.14 -24.69
C MET C 106 -22.46 16.04 -25.00
N MET C 107 -23.55 16.02 -24.23
CA MET C 107 -24.58 15.00 -24.46
C MET C 107 -25.21 15.15 -25.83
N THR C 108 -25.41 16.38 -26.27
CA THR C 108 -26.01 16.64 -27.58
C THR C 108 -25.06 16.18 -28.68
N ALA C 109 -23.76 16.35 -28.45
CA ALA C 109 -22.77 15.94 -29.42
C ALA C 109 -22.77 14.42 -29.50
N ALA C 110 -22.97 13.77 -28.36
CA ALA C 110 -23.01 12.31 -28.29
C ALA C 110 -24.21 11.75 -29.04
N ARG C 111 -25.38 12.34 -28.79
CA ARG C 111 -26.61 11.91 -29.43
C ARG C 111 -26.53 12.05 -30.95
N GLU C 112 -25.96 13.16 -31.40
CA GLU C 112 -25.85 13.41 -32.83
C GLU C 112 -24.90 12.41 -33.48
N ALA C 113 -23.84 12.04 -32.76
CA ALA C 113 -22.87 11.10 -33.30
C ALA C 113 -23.54 9.78 -33.70
N LEU C 114 -24.72 9.52 -33.15
CA LEU C 114 -25.43 8.27 -33.44
C LEU C 114 -26.39 8.34 -34.61
N VAL C 115 -26.73 9.54 -35.03
CA VAL C 115 -27.65 9.73 -36.16
C VAL C 115 -27.25 8.90 -37.38
N PRO C 116 -25.96 8.92 -37.75
CA PRO C 116 -25.46 8.17 -38.91
C PRO C 116 -25.70 6.66 -38.85
N PHE C 117 -25.89 6.11 -37.65
CA PHE C 117 -26.12 4.68 -37.51
C PHE C 117 -27.59 4.30 -37.46
N GLY C 118 -28.47 5.30 -37.64
CA GLY C 118 -29.90 5.06 -37.64
C GLY C 118 -30.44 4.01 -36.69
N LYS C 119 -31.32 3.17 -37.23
CA LYS C 119 -31.96 2.09 -36.49
C LYS C 119 -31.00 1.26 -35.62
N ASP C 120 -29.78 1.03 -36.12
CA ASP C 120 -28.78 0.23 -35.41
C ASP C 120 -28.24 0.92 -34.15
N ALA C 121 -28.22 2.25 -34.18
CA ALA C 121 -27.72 3.04 -33.07
C ALA C 121 -28.02 2.43 -31.71
N PRO C 122 -26.99 2.25 -30.87
CA PRO C 122 -27.27 1.68 -29.56
C PRO C 122 -28.09 2.67 -28.73
N LEU C 123 -28.58 2.22 -27.60
CA LEU C 123 -29.33 3.10 -26.73
C LEU C 123 -28.31 4.01 -26.07
N LEU C 124 -28.64 5.29 -25.93
CA LEU C 124 -27.71 6.22 -25.34
C LEU C 124 -28.24 6.68 -24.00
N ILE C 125 -27.55 6.27 -22.93
CA ILE C 125 -27.95 6.58 -21.57
C ILE C 125 -26.94 7.46 -20.86
N ALA C 126 -27.45 8.36 -20.03
CA ALA C 126 -26.59 9.25 -19.28
C ALA C 126 -26.62 8.91 -17.80
N VAL C 127 -25.42 8.79 -17.21
CA VAL C 127 -25.29 8.51 -15.81
C VAL C 127 -25.63 9.80 -15.08
N THR C 128 -26.45 9.69 -14.02
CA THR C 128 -26.80 10.85 -13.22
C THR C 128 -25.86 10.86 -12.01
N VAL C 129 -26.35 10.38 -10.87
CA VAL C 129 -25.51 10.33 -9.69
C VAL C 129 -25.19 8.86 -9.41
N LEU C 130 -23.90 8.55 -9.32
CA LEU C 130 -23.44 7.19 -9.07
C LEU C 130 -24.07 6.64 -7.79
N THR C 131 -24.64 5.44 -7.89
CA THR C 131 -25.31 4.79 -6.76
C THR C 131 -24.39 4.60 -5.56
N SER C 132 -23.13 4.96 -5.72
CA SER C 132 -22.17 4.81 -4.64
C SER C 132 -22.05 6.08 -3.80
N MET C 133 -22.77 7.13 -4.19
CA MET C 133 -22.69 8.40 -3.48
C MET C 133 -23.91 8.78 -2.64
N GLU C 134 -23.66 9.51 -1.56
CA GLU C 134 -24.70 10.05 -0.68
C GLU C 134 -24.40 11.55 -0.64
N ALA C 135 -25.15 12.31 0.16
CA ALA C 135 -24.93 13.74 0.25
C ALA C 135 -23.51 14.08 0.67
N SER C 136 -22.92 13.24 1.53
CA SER C 136 -21.58 13.48 2.06
C SER C 136 -20.49 13.44 0.99
N ASP C 137 -20.71 12.63 -0.05
CA ASP C 137 -19.75 12.52 -1.13
C ASP C 137 -19.91 13.70 -2.08
N LEU C 138 -21.16 14.08 -2.34
CA LEU C 138 -21.47 15.21 -3.22
C LEU C 138 -21.08 16.55 -2.63
N VAL C 139 -21.26 16.68 -1.31
CA VAL C 139 -20.96 17.91 -0.62
C VAL C 139 -19.50 18.37 -0.77
N ASP C 140 -18.58 17.41 -0.95
CA ASP C 140 -17.16 17.76 -1.12
C ASP C 140 -16.93 18.46 -2.47
N LEU C 141 -17.85 18.26 -3.41
CA LEU C 141 -17.73 18.87 -4.72
C LEU C 141 -18.43 20.23 -4.69
N GLY C 142 -18.91 20.61 -3.52
CA GLY C 142 -19.60 21.88 -3.40
C GLY C 142 -21.05 21.82 -3.87
N MET C 143 -21.57 20.62 -4.02
CA MET C 143 -22.96 20.44 -4.47
C MET C 143 -23.86 20.16 -3.26
N THR C 144 -24.72 21.11 -2.90
CA THR C 144 -25.59 20.92 -1.75
C THR C 144 -26.92 20.24 -2.05
N LEU C 145 -27.26 20.06 -3.33
CA LEU C 145 -28.50 19.37 -3.67
C LEU C 145 -28.30 17.92 -3.24
N SER C 146 -29.36 17.29 -2.71
CA SER C 146 -29.28 15.90 -2.28
C SER C 146 -29.06 15.01 -3.51
N PRO C 147 -28.60 13.76 -3.29
CA PRO C 147 -28.38 12.87 -4.42
C PRO C 147 -29.59 12.82 -5.35
N ALA C 148 -30.76 12.55 -4.77
CA ALA C 148 -31.98 12.46 -5.57
C ALA C 148 -32.24 13.70 -6.41
N ASP C 149 -32.24 14.88 -5.78
CA ASP C 149 -32.51 16.10 -6.52
C ASP C 149 -31.43 16.39 -7.55
N TYR C 150 -30.18 16.10 -7.23
CA TYR C 150 -29.14 16.36 -8.20
C TYR C 150 -29.36 15.45 -9.39
N ALA C 151 -29.63 14.18 -9.12
CA ALA C 151 -29.87 13.21 -10.19
C ALA C 151 -31.04 13.65 -11.06
N GLU C 152 -32.08 14.18 -10.44
CA GLU C 152 -33.24 14.63 -11.18
C GLU C 152 -32.88 15.76 -12.14
N ARG C 153 -32.08 16.70 -11.65
CA ARG C 153 -31.67 17.83 -12.47
C ARG C 153 -30.87 17.28 -13.65
N LEU C 154 -29.92 16.40 -13.37
CA LEU C 154 -29.09 15.79 -14.41
C LEU C 154 -29.95 14.98 -15.40
N ALA C 155 -30.97 14.32 -14.88
CA ALA C 155 -31.87 13.54 -15.72
C ALA C 155 -32.69 14.47 -16.64
N ALA C 156 -33.22 15.56 -16.07
CA ALA C 156 -34.01 16.49 -16.87
C ALA C 156 -33.19 17.01 -18.03
N LEU C 157 -31.94 17.38 -17.76
CA LEU C 157 -31.05 17.86 -18.81
C LEU C 157 -30.84 16.76 -19.82
N THR C 158 -30.69 15.54 -19.32
CA THR C 158 -30.49 14.39 -20.18
C THR C 158 -31.64 14.27 -21.19
N GLN C 159 -32.88 14.30 -20.69
CA GLN C 159 -34.05 14.19 -21.56
C GLN C 159 -34.21 15.34 -22.56
N LYS C 160 -33.87 16.57 -22.16
CA LYS C 160 -33.98 17.71 -23.05
C LYS C 160 -32.97 17.56 -24.20
N CYS C 161 -31.83 16.94 -23.91
CA CYS C 161 -30.82 16.74 -24.95
C CYS C 161 -31.23 15.57 -25.83
N GLY C 162 -32.40 15.02 -25.55
CA GLY C 162 -32.93 13.91 -26.34
C GLY C 162 -32.27 12.56 -26.18
N LEU C 163 -31.76 12.23 -25.01
CA LEU C 163 -31.14 10.93 -24.82
C LEU C 163 -32.23 9.90 -24.47
N ASP C 164 -31.94 8.63 -24.73
CA ASP C 164 -32.89 7.55 -24.50
C ASP C 164 -33.30 7.30 -23.05
N GLY C 165 -32.34 7.44 -22.15
CA GLY C 165 -32.62 7.19 -20.76
C GLY C 165 -31.55 7.71 -19.83
N VAL C 166 -31.55 7.19 -18.60
CA VAL C 166 -30.63 7.66 -17.61
C VAL C 166 -30.24 6.54 -16.64
N VAL C 167 -29.02 6.60 -16.12
CA VAL C 167 -28.57 5.63 -15.15
C VAL C 167 -28.74 6.30 -13.79
N CYS C 168 -29.39 5.59 -12.87
CA CYS C 168 -29.62 6.13 -11.55
C CYS C 168 -29.89 5.00 -10.59
N SER C 169 -30.19 5.37 -9.34
CA SER C 169 -30.49 4.40 -8.31
C SER C 169 -31.97 4.07 -8.39
N ALA C 170 -32.33 2.85 -7.97
CA ALA C 170 -33.73 2.44 -7.98
C ALA C 170 -34.50 3.33 -7.00
N GLN C 171 -33.76 4.04 -6.15
CA GLN C 171 -34.35 4.94 -5.17
C GLN C 171 -35.01 6.16 -5.82
N GLU C 172 -34.73 6.36 -7.10
CA GLU C 172 -35.29 7.51 -7.82
C GLU C 172 -36.25 7.09 -8.93
N ALA C 173 -36.35 5.78 -9.14
CA ALA C 173 -37.21 5.23 -10.19
C ALA C 173 -38.64 5.75 -10.18
N VAL C 174 -39.31 5.66 -9.04
CA VAL C 174 -40.67 6.11 -8.94
C VAL C 174 -40.80 7.59 -9.32
N ARG C 175 -39.97 8.43 -8.71
CA ARG C 175 -40.01 9.86 -8.97
C ARG C 175 -39.66 10.19 -10.42
N PHE C 176 -38.62 9.55 -10.95
CA PHE C 176 -38.20 9.82 -12.31
C PHE C 176 -39.26 9.39 -13.32
N LYS C 177 -39.92 8.28 -13.02
CA LYS C 177 -40.93 7.74 -13.91
C LYS C 177 -42.12 8.67 -14.04
N GLN C 178 -42.59 9.20 -12.92
CA GLN C 178 -43.74 10.09 -12.95
C GLN C 178 -43.39 11.47 -13.52
N VAL C 179 -42.12 11.86 -13.44
CA VAL C 179 -41.66 13.15 -13.95
C VAL C 179 -41.13 13.12 -15.38
N PHE C 180 -40.63 11.97 -15.82
CA PHE C 180 -40.08 11.88 -17.16
C PHE C 180 -40.83 10.97 -18.10
N GLY C 181 -41.85 10.29 -17.58
CA GLY C 181 -42.65 9.40 -18.41
C GLY C 181 -42.18 7.97 -18.41
N GLN C 182 -43.07 7.07 -18.83
CA GLN C 182 -42.73 5.65 -18.87
C GLN C 182 -41.73 5.30 -19.97
N GLU C 183 -41.63 6.16 -20.98
CA GLU C 183 -40.71 5.91 -22.09
C GLU C 183 -39.25 6.20 -21.78
N PHE C 184 -39.01 7.16 -20.90
CA PHE C 184 -37.63 7.50 -20.53
C PHE C 184 -37.10 6.30 -19.74
N LYS C 185 -36.11 5.63 -20.31
CA LYS C 185 -35.56 4.44 -19.70
C LYS C 185 -34.69 4.66 -18.48
N LEU C 186 -34.85 3.75 -17.52
CA LEU C 186 -34.10 3.81 -16.28
C LEU C 186 -33.29 2.52 -16.10
N VAL C 187 -31.98 2.68 -15.92
CA VAL C 187 -31.06 1.56 -15.71
C VAL C 187 -30.54 1.78 -14.32
N THR C 188 -30.83 0.83 -13.43
CA THR C 188 -30.43 1.00 -12.04
C THR C 188 -29.47 -0.01 -11.44
N PRO C 189 -28.25 0.43 -11.14
CA PRO C 189 -27.26 -0.47 -10.53
C PRO C 189 -27.55 -0.36 -9.05
N GLY C 190 -26.61 -0.73 -8.20
CA GLY C 190 -26.85 -0.66 -6.77
C GLY C 190 -27.94 -1.62 -6.34
N ILE C 191 -27.94 -2.81 -6.94
CA ILE C 191 -28.93 -3.83 -6.60
C ILE C 191 -28.35 -4.88 -5.65
N ARG C 192 -28.90 -4.95 -4.46
CA ARG C 192 -28.45 -5.90 -3.45
C ARG C 192 -29.55 -6.86 -2.99
N PRO C 193 -29.44 -8.14 -3.32
CA PRO C 193 -30.51 -9.03 -2.86
C PRO C 193 -30.31 -9.25 -1.35
N GLN C 194 -31.28 -9.91 -0.72
CA GLN C 194 -31.25 -10.19 0.72
C GLN C 194 -29.92 -10.73 1.26
N GLY C 195 -29.37 -10.08 2.28
CA GLY C 195 -28.13 -10.54 2.89
C GLY C 195 -26.85 -10.42 2.08
N SER C 196 -26.87 -9.55 1.08
CA SER C 196 -25.68 -9.33 0.27
C SER C 196 -24.97 -8.08 0.79
N GLU C 197 -23.64 -8.11 0.77
CA GLU C 197 -22.84 -6.98 1.23
C GLU C 197 -23.04 -5.79 0.29
N ALA C 198 -23.29 -4.61 0.86
CA ALA C 198 -23.48 -3.41 0.06
C ALA C 198 -22.14 -3.02 -0.55
N GLY C 199 -21.08 -3.11 0.25
CA GLY C 199 -19.78 -2.73 -0.24
C GLY C 199 -19.76 -1.22 -0.37
N ASP C 200 -19.28 -0.72 -1.52
CA ASP C 200 -19.21 0.71 -1.75
C ASP C 200 -20.50 1.26 -2.35
N GLN C 201 -21.54 0.44 -2.36
CA GLN C 201 -22.85 0.82 -2.89
C GLN C 201 -23.61 1.56 -1.78
N ARG C 202 -24.32 2.64 -2.11
CA ARG C 202 -25.06 3.40 -1.08
C ARG C 202 -26.59 3.45 -1.25
N ARG C 203 -27.07 3.87 -2.41
CA ARG C 203 -28.51 3.94 -2.66
C ARG C 203 -28.91 2.64 -3.33
N ILE C 204 -29.20 1.63 -2.52
CA ILE C 204 -29.54 0.32 -3.04
C ILE C 204 -30.98 -0.15 -2.78
N MET C 205 -31.35 -1.21 -3.50
CA MET C 205 -32.66 -1.85 -3.38
C MET C 205 -32.44 -3.25 -3.89
N THR C 206 -33.39 -4.15 -3.56
CA THR C 206 -33.31 -5.53 -3.99
C THR C 206 -33.92 -5.59 -5.40
N PRO C 207 -33.69 -6.71 -6.11
CA PRO C 207 -34.25 -6.84 -7.45
C PRO C 207 -35.76 -6.55 -7.45
N GLU C 208 -36.47 -7.24 -6.56
CA GLU C 208 -37.92 -7.11 -6.43
C GLU C 208 -38.35 -5.67 -6.19
N GLN C 209 -37.64 -4.97 -5.32
CA GLN C 209 -37.97 -3.58 -5.02
C GLN C 209 -37.74 -2.69 -6.23
N ALA C 210 -36.61 -2.88 -6.90
CA ALA C 210 -36.27 -2.10 -8.08
C ALA C 210 -37.35 -2.29 -9.15
N LEU C 211 -37.68 -3.54 -9.40
CA LEU C 211 -38.70 -3.90 -10.39
C LEU C 211 -39.97 -3.17 -10.04
N SER C 212 -40.29 -3.20 -8.75
CA SER C 212 -41.48 -2.56 -8.23
C SER C 212 -41.48 -1.04 -8.43
N ALA C 213 -40.31 -0.43 -8.24
CA ALA C 213 -40.15 1.02 -8.40
C ALA C 213 -40.36 1.47 -9.84
N GLY C 214 -40.33 0.51 -10.77
CA GLY C 214 -40.54 0.82 -12.18
C GLY C 214 -39.32 0.88 -13.09
N VAL C 215 -38.16 0.45 -12.61
CA VAL C 215 -36.96 0.50 -13.43
C VAL C 215 -37.14 -0.32 -14.69
N ASP C 216 -36.37 0.00 -15.74
CA ASP C 216 -36.45 -0.73 -17.01
C ASP C 216 -35.35 -1.80 -17.08
N TYR C 217 -34.21 -1.51 -16.47
CA TYR C 217 -33.10 -2.44 -16.42
C TYR C 217 -32.40 -2.29 -15.08
N MET C 218 -31.97 -3.41 -14.51
CA MET C 218 -31.25 -3.36 -13.25
C MET C 218 -29.89 -4.01 -13.44
N VAL C 219 -28.87 -3.32 -12.96
CA VAL C 219 -27.52 -3.83 -13.08
C VAL C 219 -27.09 -4.52 -11.80
N ILE C 220 -26.73 -5.79 -11.93
CA ILE C 220 -26.29 -6.60 -10.81
C ILE C 220 -24.91 -7.15 -11.10
N GLY C 221 -23.96 -6.83 -10.22
CA GLY C 221 -22.60 -7.30 -10.38
C GLY C 221 -22.19 -8.40 -9.41
N ARG C 222 -21.58 -8.00 -8.30
CA ARG C 222 -21.11 -8.94 -7.30
C ARG C 222 -22.14 -9.92 -6.72
N PRO C 223 -23.38 -9.45 -6.48
CA PRO C 223 -24.36 -10.38 -5.95
C PRO C 223 -24.48 -11.64 -6.82
N VAL C 224 -24.18 -11.48 -8.11
CA VAL C 224 -24.23 -12.60 -9.05
C VAL C 224 -22.87 -13.25 -9.24
N THR C 225 -21.92 -12.48 -9.73
CA THR C 225 -20.57 -12.97 -10.03
C THR C 225 -19.74 -13.48 -8.84
N GLN C 226 -20.04 -12.98 -7.65
CA GLN C 226 -19.31 -13.40 -6.46
C GLN C 226 -20.09 -14.37 -5.57
N SER C 227 -21.22 -14.87 -6.07
CA SER C 227 -21.99 -15.82 -5.28
C SER C 227 -21.35 -17.19 -5.46
N VAL C 228 -21.73 -18.13 -4.60
CA VAL C 228 -21.18 -19.48 -4.66
C VAL C 228 -21.59 -20.20 -5.93
N ASP C 229 -22.73 -19.82 -6.49
CA ASP C 229 -23.22 -20.43 -7.72
C ASP C 229 -23.87 -19.36 -8.59
N PRO C 230 -23.05 -18.55 -9.28
CA PRO C 230 -23.53 -17.48 -10.16
C PRO C 230 -24.70 -17.79 -11.09
N ALA C 231 -24.66 -18.92 -11.78
CA ALA C 231 -25.75 -19.29 -12.69
C ALA C 231 -27.04 -19.43 -11.91
N GLN C 232 -26.97 -20.16 -10.80
CA GLN C 232 -28.13 -20.38 -9.95
C GLN C 232 -28.65 -19.06 -9.43
N THR C 233 -27.74 -18.22 -8.92
CA THR C 233 -28.16 -16.93 -8.39
C THR C 233 -28.93 -16.12 -9.44
N LEU C 234 -28.46 -16.16 -10.69
CA LEU C 234 -29.10 -15.43 -11.78
C LEU C 234 -30.49 -16.00 -12.06
N LYS C 235 -30.59 -17.32 -12.10
CA LYS C 235 -31.86 -18.00 -12.37
C LYS C 235 -32.90 -17.66 -11.28
N ALA C 236 -32.45 -17.63 -10.03
CA ALA C 236 -33.33 -17.33 -8.90
C ALA C 236 -33.85 -15.91 -8.96
N ILE C 237 -32.98 -14.98 -9.40
CA ILE C 237 -33.37 -13.59 -9.51
C ILE C 237 -34.34 -13.44 -10.68
N ASN C 238 -34.06 -14.13 -11.78
CA ASN C 238 -34.93 -14.05 -12.95
C ASN C 238 -36.30 -14.64 -12.66
N ALA C 239 -36.35 -15.59 -11.74
CA ALA C 239 -37.63 -16.20 -11.39
C ALA C 239 -38.43 -15.19 -10.58
N SER C 240 -37.80 -14.57 -9.59
CA SER C 240 -38.44 -13.55 -8.75
C SER C 240 -39.12 -12.48 -9.58
N LEU C 241 -38.32 -11.78 -10.37
CA LEU C 241 -38.82 -10.73 -11.21
C LEU C 241 -40.01 -11.18 -12.03
N GLN C 242 -39.85 -12.29 -12.75
CA GLN C 242 -40.92 -12.81 -13.59
C GLN C 242 -42.14 -13.26 -12.77
N ARG C 243 -41.90 -13.69 -11.54
CA ARG C 243 -42.96 -14.16 -10.65
C ARG C 243 -43.90 -13.04 -10.19
N VAL D 12 11.82 9.15 -22.84
CA VAL D 12 11.86 10.42 -22.11
C VAL D 12 12.03 11.57 -23.10
N THR D 13 11.55 12.74 -22.71
CA THR D 13 11.61 13.95 -23.53
C THR D 13 11.65 15.15 -22.61
N ASN D 14 12.17 16.27 -23.11
CA ASN D 14 12.23 17.49 -22.31
C ASN D 14 11.02 18.35 -22.62
N SER D 15 10.27 17.97 -23.64
CA SER D 15 9.07 18.72 -24.05
C SER D 15 7.84 18.40 -23.21
N PRO D 16 7.08 19.44 -22.84
CA PRO D 16 5.87 19.29 -22.04
C PRO D 16 4.67 18.99 -22.92
N VAL D 17 4.94 18.80 -24.21
CA VAL D 17 3.87 18.51 -25.14
C VAL D 17 3.42 17.06 -25.13
N VAL D 18 2.11 16.87 -25.09
CA VAL D 18 1.51 15.55 -25.12
C VAL D 18 0.49 15.68 -26.23
N VAL D 19 0.72 14.96 -27.32
CA VAL D 19 -0.19 15.02 -28.45
C VAL D 19 -1.34 14.05 -28.29
N ALA D 20 -2.55 14.55 -28.48
CA ALA D 20 -3.74 13.73 -28.35
C ALA D 20 -3.98 12.94 -29.65
N LEU D 21 -3.86 11.62 -29.59
CA LEU D 21 -4.08 10.83 -30.77
C LEU D 21 -5.57 10.54 -30.85
N ASP D 22 -6.31 11.46 -31.45
CA ASP D 22 -7.75 11.30 -31.59
C ASP D 22 -8.12 11.03 -33.03
N TYR D 23 -7.66 9.89 -33.54
CA TYR D 23 -7.95 9.47 -34.91
C TYR D 23 -9.01 8.37 -34.86
N HIS D 24 -9.65 8.13 -36.00
CA HIS D 24 -10.67 7.09 -36.06
C HIS D 24 -10.15 5.91 -36.86
N ASN D 25 -8.84 5.91 -37.10
CA ASN D 25 -8.16 4.86 -37.86
C ASN D 25 -6.78 4.61 -37.23
N ARG D 26 -6.39 3.34 -37.09
CA ARG D 26 -5.08 3.02 -36.51
C ARG D 26 -3.88 3.46 -37.34
N ASP D 27 -3.86 3.09 -38.63
CA ASP D 27 -2.75 3.44 -39.53
C ASP D 27 -2.59 4.94 -39.68
N ASP D 28 -3.72 5.66 -39.70
CA ASP D 28 -3.74 7.11 -39.83
C ASP D 28 -2.95 7.70 -38.65
N ALA D 29 -3.12 7.08 -37.47
CA ALA D 29 -2.43 7.54 -36.27
C ALA D 29 -0.96 7.15 -36.30
N LEU D 30 -0.69 5.93 -36.76
CA LEU D 30 0.68 5.45 -36.85
C LEU D 30 1.45 6.19 -37.93
N ALA D 31 0.74 6.60 -38.99
CA ALA D 31 1.40 7.33 -40.05
C ALA D 31 2.03 8.57 -39.44
N PHE D 32 1.35 9.15 -38.44
CA PHE D 32 1.86 10.33 -37.76
C PHE D 32 2.97 9.97 -36.78
N VAL D 33 2.71 8.94 -35.97
CA VAL D 33 3.66 8.48 -34.97
C VAL D 33 4.99 8.01 -35.59
N ASP D 34 4.90 7.40 -36.78
CA ASP D 34 6.09 6.93 -37.46
C ASP D 34 6.99 8.05 -37.96
N LYS D 35 6.46 9.26 -38.04
CA LYS D 35 7.25 10.40 -38.50
C LYS D 35 7.85 11.21 -37.34
N ILE D 36 7.42 10.91 -36.11
CA ILE D 36 7.97 11.62 -34.96
C ILE D 36 8.84 10.70 -34.11
N ASP D 37 9.42 11.25 -33.05
CA ASP D 37 10.30 10.49 -32.19
C ASP D 37 9.88 10.61 -30.72
N PRO D 38 10.11 9.56 -29.92
CA PRO D 38 9.75 9.56 -28.50
C PRO D 38 10.25 10.79 -27.74
N ARG D 39 11.28 11.44 -28.27
CA ARG D 39 11.82 12.63 -27.60
C ARG D 39 11.15 13.93 -28.01
N ASP D 40 10.32 13.90 -29.04
CA ASP D 40 9.62 15.10 -29.50
C ASP D 40 8.38 15.40 -28.64
N CYS D 41 7.77 14.35 -28.12
CA CYS D 41 6.57 14.51 -27.31
C CYS D 41 6.11 13.18 -26.72
N ARG D 42 5.05 13.25 -25.91
CA ARG D 42 4.46 12.07 -25.31
C ARG D 42 3.10 11.95 -26.00
N LEU D 43 2.51 10.75 -25.94
CA LEU D 43 1.24 10.54 -26.60
C LEU D 43 0.09 10.23 -25.65
N LYS D 44 -1.10 10.71 -26.01
CA LYS D 44 -2.29 10.50 -25.21
C LYS D 44 -3.30 9.64 -25.97
N VAL D 45 -3.68 8.51 -25.38
CA VAL D 45 -4.67 7.65 -26.02
C VAL D 45 -5.97 7.93 -25.30
N GLY D 46 -6.98 8.41 -26.02
CA GLY D 46 -8.24 8.74 -25.40
C GLY D 46 -9.36 7.72 -25.60
N LYS D 47 -10.56 8.13 -25.22
CA LYS D 47 -11.72 7.27 -25.33
C LYS D 47 -12.01 6.86 -26.76
N GLU D 48 -11.78 7.76 -27.72
CA GLU D 48 -12.05 7.44 -29.10
C GLU D 48 -11.20 6.26 -29.59
N MET D 49 -9.89 6.41 -29.55
CA MET D 49 -9.01 5.34 -30.03
C MET D 49 -8.97 4.12 -29.12
N PHE D 50 -9.15 4.32 -27.82
CA PHE D 50 -9.14 3.17 -26.94
C PHE D 50 -10.41 2.34 -27.09
N THR D 51 -11.54 2.99 -27.36
CA THR D 51 -12.79 2.26 -27.55
C THR D 51 -12.71 1.50 -28.86
N LEU D 52 -11.96 2.04 -29.80
CA LEU D 52 -11.81 1.41 -31.10
C LEU D 52 -10.77 0.29 -31.16
N PHE D 53 -9.64 0.45 -30.50
CA PHE D 53 -8.57 -0.53 -30.59
C PHE D 53 -8.07 -1.19 -29.31
N GLY D 54 -8.44 -0.62 -28.16
CA GLY D 54 -8.05 -1.19 -26.89
C GLY D 54 -6.60 -1.09 -26.50
N PRO D 55 -6.18 -1.81 -25.44
CA PRO D 55 -4.81 -1.84 -24.91
C PRO D 55 -3.74 -2.24 -25.90
N GLN D 56 -4.09 -3.10 -26.84
CA GLN D 56 -3.12 -3.54 -27.85
C GLN D 56 -2.53 -2.35 -28.60
N PHE D 57 -3.35 -1.33 -28.85
CA PHE D 57 -2.89 -0.13 -29.54
C PHE D 57 -1.92 0.66 -28.64
N VAL D 58 -2.19 0.65 -27.34
CA VAL D 58 -1.32 1.36 -26.39
C VAL D 58 0.01 0.63 -26.39
N ARG D 59 -0.06 -0.70 -26.39
CA ARG D 59 1.13 -1.52 -26.40
C ARG D 59 1.97 -1.20 -27.62
N GLU D 60 1.34 -1.11 -28.78
CA GLU D 60 2.07 -0.80 -30.00
C GLU D 60 2.80 0.54 -29.90
N LEU D 61 2.16 1.53 -29.26
CA LEU D 61 2.77 2.85 -29.09
C LEU D 61 3.92 2.78 -28.10
N GLN D 62 3.77 1.97 -27.06
CA GLN D 62 4.81 1.82 -26.07
C GLN D 62 6.00 1.08 -26.67
N GLN D 63 5.73 0.23 -27.65
CA GLN D 63 6.77 -0.52 -28.34
C GLN D 63 7.74 0.45 -29.01
N ARG D 64 7.20 1.54 -29.56
CA ARG D 64 8.02 2.56 -30.22
C ARG D 64 8.80 3.38 -29.19
N GLY D 65 8.51 3.15 -27.91
CA GLY D 65 9.21 3.87 -26.86
C GLY D 65 8.55 5.11 -26.30
N PHE D 66 7.33 5.42 -26.73
CA PHE D 66 6.64 6.60 -26.22
C PHE D 66 6.02 6.40 -24.83
N ASP D 67 5.90 7.50 -24.09
CA ASP D 67 5.24 7.45 -22.80
C ASP D 67 3.78 7.64 -23.19
N ILE D 68 2.89 6.81 -22.66
CA ILE D 68 1.49 6.91 -23.01
C ILE D 68 0.61 7.40 -21.86
N PHE D 69 -0.18 8.42 -22.12
CA PHE D 69 -1.11 8.94 -21.12
C PHE D 69 -2.44 8.31 -21.50
N LEU D 70 -2.89 7.32 -20.72
CA LEU D 70 -4.16 6.66 -21.01
C LEU D 70 -5.25 7.53 -20.43
N ASP D 71 -5.94 8.24 -21.32
CA ASP D 71 -6.97 9.18 -20.94
C ASP D 71 -8.39 8.63 -21.05
N LEU D 72 -8.81 7.87 -20.05
CA LEU D 72 -10.16 7.29 -20.05
C LEU D 72 -11.05 7.98 -19.01
N LYS D 73 -10.47 8.93 -18.29
CA LYS D 73 -11.16 9.72 -17.27
C LYS D 73 -12.15 8.90 -16.45
N PHE D 74 -11.62 7.90 -15.75
CA PHE D 74 -12.45 7.03 -14.92
C PHE D 74 -13.30 7.84 -13.95
N HIS D 75 -14.60 7.60 -13.99
CA HIS D 75 -15.55 8.29 -13.14
C HIS D 75 -16.67 7.30 -12.85
N ASP D 76 -16.40 6.38 -11.91
CA ASP D 76 -17.34 5.32 -11.55
C ASP D 76 -17.34 5.14 -10.03
N ILE D 77 -18.06 4.12 -9.56
CA ILE D 77 -18.10 3.83 -8.14
C ILE D 77 -16.68 3.45 -7.70
N PRO D 78 -16.37 3.61 -6.42
CA PRO D 78 -15.02 3.28 -5.96
C PRO D 78 -14.48 1.93 -6.44
N ASN D 79 -15.27 0.88 -6.27
CA ASN D 79 -14.80 -0.43 -6.67
C ASN D 79 -14.28 -0.50 -8.12
N THR D 80 -15.06 0.00 -9.06
CA THR D 80 -14.66 -0.02 -10.46
C THR D 80 -13.47 0.91 -10.72
N ALA D 81 -13.53 2.13 -10.18
CA ALA D 81 -12.44 3.09 -10.37
C ALA D 81 -11.11 2.49 -9.94
N ALA D 82 -11.12 1.81 -8.81
CA ALA D 82 -9.91 1.19 -8.30
C ALA D 82 -9.39 0.09 -9.22
N HIS D 83 -10.29 -0.76 -9.69
CA HIS D 83 -9.90 -1.85 -10.58
C HIS D 83 -9.42 -1.36 -11.93
N ALA D 84 -10.14 -0.39 -12.49
CA ALA D 84 -9.78 0.16 -13.79
C ALA D 84 -8.38 0.76 -13.72
N VAL D 85 -8.12 1.51 -12.65
CA VAL D 85 -6.81 2.13 -12.49
C VAL D 85 -5.73 1.04 -12.36
N ALA D 86 -6.10 -0.08 -11.73
CA ALA D 86 -5.17 -1.20 -11.58
C ALA D 86 -4.91 -1.76 -12.97
N ALA D 87 -5.97 -1.92 -13.75
CA ALA D 87 -5.83 -2.45 -15.11
C ALA D 87 -4.91 -1.52 -15.90
N ALA D 88 -5.01 -0.23 -15.65
CA ALA D 88 -4.19 0.77 -16.32
C ALA D 88 -2.74 0.62 -15.89
N ALA D 89 -2.53 0.27 -14.63
CA ALA D 89 -1.19 0.07 -14.09
C ALA D 89 -0.58 -1.16 -14.75
N ASP D 90 -1.41 -2.16 -15.00
CA ASP D 90 -0.95 -3.39 -15.61
C ASP D 90 -0.49 -3.14 -17.02
N LEU D 91 -1.15 -2.19 -17.68
CA LEU D 91 -0.80 -1.85 -19.05
C LEU D 91 0.54 -1.11 -19.05
N GLY D 92 1.01 -0.74 -17.85
CA GLY D 92 2.27 -0.06 -17.72
C GLY D 92 2.35 1.35 -18.28
N VAL D 93 1.20 2.02 -18.41
CA VAL D 93 1.17 3.37 -18.95
C VAL D 93 1.95 4.37 -18.09
N TRP D 94 2.32 5.49 -18.70
CA TRP D 94 3.07 6.55 -18.03
C TRP D 94 2.16 7.38 -17.12
N MET D 95 0.95 7.62 -17.58
CA MET D 95 -0.01 8.43 -16.83
C MET D 95 -1.41 7.87 -17.00
N VAL D 96 -2.26 8.03 -15.98
CA VAL D 96 -3.62 7.53 -16.07
C VAL D 96 -4.62 8.54 -15.47
N ASN D 97 -5.79 8.60 -16.10
CA ASN D 97 -6.84 9.55 -15.73
C ASN D 97 -7.93 9.11 -14.76
N VAL D 98 -8.52 10.12 -14.11
CA VAL D 98 -9.60 9.94 -13.16
C VAL D 98 -10.35 11.28 -13.10
N HIS D 99 -11.67 11.24 -12.88
CA HIS D 99 -12.45 12.47 -12.77
C HIS D 99 -12.55 12.85 -11.30
N ALA D 100 -12.16 14.07 -10.97
CA ALA D 100 -12.22 14.53 -9.58
C ALA D 100 -13.68 14.67 -9.10
N SER D 101 -14.61 14.93 -10.01
CA SER D 101 -15.98 15.06 -9.57
C SER D 101 -16.52 13.69 -9.17
N GLY D 102 -15.63 12.71 -9.20
CA GLY D 102 -15.98 11.36 -8.78
C GLY D 102 -15.92 11.28 -7.27
N GLY D 103 -15.32 12.29 -6.64
CA GLY D 103 -15.23 12.35 -5.20
C GLY D 103 -14.03 11.75 -4.49
N ALA D 104 -13.91 12.04 -3.20
CA ALA D 104 -12.81 11.56 -2.36
C ALA D 104 -12.70 10.03 -2.23
N ARG D 105 -13.80 9.37 -1.88
CA ARG D 105 -13.79 7.93 -1.73
C ARG D 105 -13.29 7.26 -3.00
N MET D 106 -13.75 7.72 -4.15
CA MET D 106 -13.35 7.11 -5.41
C MET D 106 -11.87 7.36 -5.69
N MET D 107 -11.40 8.57 -5.40
CA MET D 107 -10.01 8.90 -5.64
C MET D 107 -9.06 8.17 -4.70
N THR D 108 -9.47 8.06 -3.43
CA THR D 108 -8.66 7.35 -2.45
C THR D 108 -8.55 5.90 -2.88
N ALA D 109 -9.61 5.38 -3.49
CA ALA D 109 -9.63 4.00 -3.96
C ALA D 109 -8.68 3.82 -5.14
N ALA D 110 -8.60 4.82 -6.01
CA ALA D 110 -7.70 4.77 -7.15
C ALA D 110 -6.24 4.78 -6.71
N ARG D 111 -5.91 5.64 -5.76
CA ARG D 111 -4.53 5.74 -5.28
C ARG D 111 -4.07 4.46 -4.57
N GLU D 112 -4.92 3.94 -3.68
CA GLU D 112 -4.56 2.72 -2.95
C GLU D 112 -4.35 1.56 -3.92
N ALA D 113 -5.09 1.55 -5.02
CA ALA D 113 -4.97 0.49 -6.01
C ALA D 113 -3.62 0.50 -6.72
N LEU D 114 -2.93 1.64 -6.69
CA LEU D 114 -1.63 1.75 -7.33
C LEU D 114 -0.46 1.42 -6.40
N VAL D 115 -0.73 1.32 -5.12
CA VAL D 115 0.31 1.01 -4.13
C VAL D 115 1.05 -0.28 -4.46
N PRO D 116 0.33 -1.33 -4.89
CA PRO D 116 0.95 -2.62 -5.23
C PRO D 116 2.00 -2.54 -6.34
N PHE D 117 1.77 -1.64 -7.29
CA PHE D 117 2.69 -1.48 -8.41
C PHE D 117 3.92 -0.68 -8.06
N GLY D 118 3.91 -0.06 -6.89
CA GLY D 118 5.04 0.73 -6.44
C GLY D 118 5.53 1.76 -7.44
N LYS D 119 6.78 1.58 -7.87
CA LYS D 119 7.43 2.50 -8.82
C LYS D 119 6.88 2.40 -10.24
N ASP D 120 6.50 1.20 -10.66
CA ASP D 120 5.97 1.00 -12.02
C ASP D 120 4.58 1.62 -12.15
N ALA D 121 4.10 2.17 -11.04
CA ALA D 121 2.78 2.77 -11.01
C ALA D 121 2.72 4.04 -11.85
N PRO D 122 1.67 4.16 -12.68
CA PRO D 122 1.54 5.35 -13.51
C PRO D 122 1.23 6.54 -12.63
N LEU D 123 1.37 7.73 -13.18
CA LEU D 123 1.05 8.96 -12.45
C LEU D 123 -0.46 9.00 -12.41
N LEU D 124 -1.01 9.39 -11.26
CA LEU D 124 -2.46 9.44 -11.12
C LEU D 124 -2.90 10.89 -11.08
N ILE D 125 -3.55 11.32 -12.15
CA ILE D 125 -4.02 12.69 -12.25
C ILE D 125 -5.53 12.70 -12.33
N ALA D 126 -6.14 13.71 -11.72
CA ALA D 126 -7.59 13.84 -11.73
C ALA D 126 -7.99 15.06 -12.57
N VAL D 127 -9.06 14.92 -13.32
CA VAL D 127 -9.56 16.00 -14.17
C VAL D 127 -10.44 16.91 -13.31
N THR D 128 -10.26 18.23 -13.47
CA THR D 128 -11.09 19.15 -12.71
C THR D 128 -12.29 19.50 -13.56
N VAL D 129 -12.24 20.66 -14.22
CA VAL D 129 -13.32 21.08 -15.09
C VAL D 129 -12.84 21.01 -16.53
N LEU D 130 -13.58 20.30 -17.36
CA LEU D 130 -13.22 20.14 -18.77
C LEU D 130 -13.01 21.51 -19.42
N THR D 131 -11.88 21.66 -20.09
CA THR D 131 -11.56 22.93 -20.75
C THR D 131 -12.62 23.39 -21.75
N SER D 132 -13.57 22.52 -22.07
CA SER D 132 -14.61 22.89 -23.01
C SER D 132 -15.80 23.53 -22.29
N MET D 133 -15.68 23.70 -20.98
CA MET D 133 -16.77 24.28 -20.21
C MET D 133 -16.53 25.68 -19.68
N GLU D 134 -17.58 26.49 -19.75
CA GLU D 134 -17.56 27.86 -19.23
C GLU D 134 -18.67 27.92 -18.18
N ALA D 135 -18.85 29.08 -17.58
CA ALA D 135 -19.90 29.22 -16.57
C ALA D 135 -21.26 28.76 -17.09
N SER D 136 -21.53 29.00 -18.37
CA SER D 136 -22.82 28.63 -18.93
C SER D 136 -23.04 27.11 -18.92
N ASP D 137 -21.98 26.35 -19.11
CA ASP D 137 -22.11 24.91 -19.13
C ASP D 137 -22.35 24.34 -17.74
N LEU D 138 -21.82 25.01 -16.73
CA LEU D 138 -21.97 24.56 -15.35
C LEU D 138 -23.31 24.94 -14.74
N VAL D 139 -23.85 26.10 -15.12
CA VAL D 139 -25.13 26.52 -14.56
C VAL D 139 -26.18 25.44 -14.80
N ASP D 140 -26.08 24.79 -15.96
CA ASP D 140 -27.01 23.73 -16.33
C ASP D 140 -27.02 22.61 -15.30
N LEU D 141 -25.87 22.33 -14.71
CA LEU D 141 -25.74 21.26 -13.71
C LEU D 141 -26.13 21.72 -12.32
N GLY D 142 -26.26 23.02 -12.13
CA GLY D 142 -26.62 23.53 -10.82
C GLY D 142 -25.39 23.97 -10.05
N MET D 143 -24.31 24.27 -10.78
CA MET D 143 -23.06 24.73 -10.20
C MET D 143 -23.01 26.22 -10.44
N THR D 144 -22.80 27.01 -9.38
CA THR D 144 -22.73 28.45 -9.54
C THR D 144 -21.29 28.97 -9.42
N LEU D 145 -20.40 28.10 -8.95
CA LEU D 145 -18.99 28.47 -8.84
C LEU D 145 -18.43 28.55 -10.25
N SER D 146 -17.59 29.55 -10.49
CA SER D 146 -16.98 29.73 -11.80
C SER D 146 -16.14 28.52 -12.15
N PRO D 147 -15.90 28.30 -13.45
CA PRO D 147 -15.09 27.14 -13.78
C PRO D 147 -13.82 27.14 -12.92
N ALA D 148 -13.22 28.31 -12.78
CA ALA D 148 -11.99 28.48 -12.00
C ALA D 148 -12.12 28.05 -10.54
N ASP D 149 -13.12 28.57 -9.85
CA ASP D 149 -13.30 28.23 -8.45
C ASP D 149 -13.70 26.76 -8.28
N TYR D 150 -14.55 26.28 -9.17
CA TYR D 150 -14.99 24.90 -9.08
C TYR D 150 -13.81 23.96 -9.30
N ALA D 151 -12.97 24.28 -10.30
CA ALA D 151 -11.81 23.47 -10.61
C ALA D 151 -10.83 23.45 -9.44
N GLU D 152 -10.66 24.59 -8.79
CA GLU D 152 -9.75 24.69 -7.66
C GLU D 152 -10.23 23.85 -6.48
N ARG D 153 -11.53 23.81 -6.28
CA ARG D 153 -12.12 23.04 -5.20
C ARG D 153 -11.87 21.56 -5.50
N LEU D 154 -12.10 21.19 -6.76
CA LEU D 154 -11.89 19.83 -7.22
C LEU D 154 -10.41 19.46 -7.12
N ALA D 155 -9.56 20.43 -7.43
CA ALA D 155 -8.12 20.22 -7.37
C ALA D 155 -7.67 19.98 -5.93
N ALA D 156 -8.21 20.77 -5.01
CA ALA D 156 -7.86 20.63 -3.60
C ALA D 156 -8.23 19.23 -3.12
N LEU D 157 -9.43 18.80 -3.49
CA LEU D 157 -9.90 17.48 -3.11
C LEU D 157 -8.93 16.44 -3.66
N THR D 158 -8.48 16.67 -4.88
CA THR D 158 -7.53 15.76 -5.52
C THR D 158 -6.22 15.60 -4.72
N GLN D 159 -5.70 16.71 -4.21
CA GLN D 159 -4.45 16.64 -3.46
C GLN D 159 -4.65 16.02 -2.08
N LYS D 160 -5.75 16.39 -1.44
CA LYS D 160 -6.07 15.86 -0.12
C LYS D 160 -6.12 14.34 -0.20
N CYS D 161 -6.62 13.83 -1.33
CA CYS D 161 -6.70 12.38 -1.53
C CYS D 161 -5.37 11.78 -1.96
N GLY D 162 -4.35 12.61 -2.07
CA GLY D 162 -3.03 12.12 -2.43
C GLY D 162 -2.75 11.80 -3.89
N LEU D 163 -3.51 12.37 -4.82
CA LEU D 163 -3.23 12.12 -6.23
C LEU D 163 -1.97 12.88 -6.66
N ASP D 164 -1.44 12.57 -7.83
CA ASP D 164 -0.22 13.17 -8.32
C ASP D 164 -0.32 14.54 -9.00
N GLY D 165 -1.52 14.87 -9.45
CA GLY D 165 -1.69 16.14 -10.12
C GLY D 165 -3.10 16.29 -10.65
N VAL D 166 -3.31 17.29 -11.50
CA VAL D 166 -4.63 17.52 -12.01
C VAL D 166 -4.67 17.97 -13.46
N VAL D 167 -5.80 17.70 -14.11
CA VAL D 167 -6.01 18.13 -15.49
C VAL D 167 -6.91 19.35 -15.32
N CYS D 168 -6.50 20.47 -15.91
CA CYS D 168 -7.25 21.72 -15.83
C CYS D 168 -6.88 22.57 -17.02
N SER D 169 -7.46 23.76 -17.09
CA SER D 169 -7.16 24.70 -18.18
C SER D 169 -5.88 25.45 -17.82
N ALA D 170 -5.13 25.90 -18.83
CA ALA D 170 -3.91 26.64 -18.55
C ALA D 170 -4.30 27.98 -17.91
N GLN D 171 -5.59 28.29 -17.95
CA GLN D 171 -6.10 29.53 -17.35
C GLN D 171 -6.03 29.44 -15.82
N GLU D 172 -5.78 28.24 -15.30
CA GLU D 172 -5.69 28.06 -13.85
C GLU D 172 -4.28 27.73 -13.34
N ALA D 173 -3.36 27.46 -14.26
CA ALA D 173 -1.98 27.11 -13.92
C ALA D 173 -1.31 27.94 -12.82
N VAL D 174 -1.22 29.24 -13.03
CA VAL D 174 -0.60 30.13 -12.05
C VAL D 174 -1.30 30.08 -10.70
N ARG D 175 -2.63 30.06 -10.76
CA ARG D 175 -3.46 30.00 -9.56
C ARG D 175 -3.17 28.71 -8.80
N PHE D 176 -3.30 27.57 -9.49
CA PHE D 176 -3.07 26.27 -8.86
C PHE D 176 -1.65 26.09 -8.37
N LYS D 177 -0.70 26.48 -9.22
CA LYS D 177 0.71 26.34 -8.92
C LYS D 177 1.08 26.89 -7.54
N GLN D 178 0.51 28.04 -7.19
CA GLN D 178 0.82 28.63 -5.90
C GLN D 178 -0.04 28.06 -4.77
N VAL D 179 -1.23 27.58 -5.11
CA VAL D 179 -2.13 26.99 -4.12
C VAL D 179 -1.76 25.56 -3.76
N PHE D 180 -1.26 24.81 -4.74
CA PHE D 180 -0.90 23.42 -4.51
C PHE D 180 0.60 23.13 -4.59
N GLY D 181 1.41 24.15 -4.86
CA GLY D 181 2.84 23.94 -4.92
C GLY D 181 3.36 23.50 -6.28
N GLN D 182 4.67 23.51 -6.44
CA GLN D 182 5.32 23.14 -7.69
C GLN D 182 5.23 21.65 -8.03
N GLU D 183 5.22 20.82 -7.00
CA GLU D 183 5.15 19.38 -7.18
C GLU D 183 3.83 18.90 -7.76
N PHE D 184 2.74 19.55 -7.40
CA PHE D 184 1.44 19.15 -7.92
C PHE D 184 1.42 19.41 -9.42
N LYS D 185 1.37 18.32 -10.19
CA LYS D 185 1.40 18.37 -11.65
C LYS D 185 0.13 18.86 -12.33
N LEU D 186 0.33 19.73 -13.31
CA LEU D 186 -0.78 20.30 -14.07
C LEU D 186 -0.70 19.88 -15.52
N VAL D 187 -1.73 19.19 -15.99
CA VAL D 187 -1.81 18.75 -17.37
C VAL D 187 -2.90 19.64 -17.95
N THR D 188 -2.56 20.43 -18.96
CA THR D 188 -3.54 21.36 -19.50
C THR D 188 -3.83 21.26 -20.99
N PRO D 189 -5.06 20.81 -21.33
CA PRO D 189 -5.47 20.70 -22.74
C PRO D 189 -6.05 22.07 -23.06
N GLY D 190 -6.81 22.16 -24.15
CA GLY D 190 -7.39 23.44 -24.53
C GLY D 190 -6.30 24.39 -24.98
N ILE D 191 -5.36 23.83 -25.75
CA ILE D 191 -4.23 24.57 -26.27
C ILE D 191 -4.45 24.94 -27.73
N ARG D 192 -4.43 26.22 -28.02
CA ARG D 192 -4.62 26.69 -29.39
C ARG D 192 -3.53 27.69 -29.74
N PRO D 193 -2.70 27.37 -30.74
CA PRO D 193 -1.66 28.33 -31.12
C PRO D 193 -2.29 29.38 -32.02
N GLN D 194 -1.48 30.34 -32.47
CA GLN D 194 -1.90 31.43 -33.36
C GLN D 194 -3.06 31.12 -34.31
N GLY D 195 -4.08 31.97 -34.26
CA GLY D 195 -5.24 31.81 -35.13
C GLY D 195 -5.69 30.40 -35.45
N SER D 196 -5.67 29.53 -34.46
CA SER D 196 -6.10 28.14 -34.64
C SER D 196 -7.60 28.09 -34.31
N GLU D 197 -8.33 27.16 -34.89
CA GLU D 197 -9.76 27.06 -34.63
C GLU D 197 -10.01 26.51 -33.21
N ALA D 198 -10.85 27.19 -32.44
CA ALA D 198 -11.16 26.78 -31.08
C ALA D 198 -11.97 25.49 -31.02
N GLY D 199 -12.96 25.38 -31.90
CA GLY D 199 -13.80 24.20 -31.90
C GLY D 199 -14.69 24.25 -30.68
N ASP D 200 -14.82 23.12 -29.99
CA ASP D 200 -15.65 23.03 -28.79
C ASP D 200 -14.86 23.45 -27.55
N GLN D 201 -13.59 23.78 -27.75
CA GLN D 201 -12.69 24.19 -26.67
C GLN D 201 -13.09 25.59 -26.15
N ARG D 202 -13.00 25.81 -24.84
CA ARG D 202 -13.38 27.12 -24.27
C ARG D 202 -12.31 27.87 -23.47
N ARG D 203 -11.86 27.31 -22.36
CA ARG D 203 -10.82 27.96 -21.56
C ARG D 203 -9.46 27.66 -22.16
N ILE D 204 -9.24 28.21 -23.35
CA ILE D 204 -8.01 27.98 -24.08
C ILE D 204 -6.86 28.95 -23.83
N MET D 205 -5.70 28.60 -24.35
CA MET D 205 -4.51 29.41 -24.22
C MET D 205 -3.55 28.88 -25.28
N THR D 206 -2.51 29.66 -25.60
CA THR D 206 -1.54 29.24 -26.61
C THR D 206 -0.41 28.43 -25.95
N PRO D 207 0.31 27.63 -26.74
CA PRO D 207 1.41 26.83 -26.17
C PRO D 207 2.37 27.72 -25.40
N GLU D 208 2.79 28.82 -26.03
CA GLU D 208 3.71 29.74 -25.39
C GLU D 208 3.09 30.25 -24.09
N GLN D 209 1.81 30.62 -24.14
CA GLN D 209 1.09 31.12 -22.97
C GLN D 209 1.06 30.10 -21.84
N ALA D 210 0.65 28.87 -22.15
CA ALA D 210 0.55 27.82 -21.15
C ALA D 210 1.91 27.58 -20.48
N LEU D 211 2.95 27.43 -21.30
CA LEU D 211 4.28 27.19 -20.79
C LEU D 211 4.67 28.27 -19.77
N SER D 212 4.37 29.51 -20.12
CA SER D 212 4.68 30.65 -19.27
C SER D 212 3.89 30.60 -17.96
N ALA D 213 2.73 29.93 -18.00
CA ALA D 213 1.87 29.79 -16.83
C ALA D 213 2.41 28.76 -15.83
N GLY D 214 3.41 28.01 -16.25
CA GLY D 214 4.01 27.01 -15.37
C GLY D 214 3.46 25.60 -15.46
N VAL D 215 2.68 25.30 -16.50
CA VAL D 215 2.12 23.96 -16.64
C VAL D 215 3.24 22.93 -16.79
N ASP D 216 2.98 21.71 -16.36
CA ASP D 216 3.98 20.64 -16.46
C ASP D 216 3.89 19.93 -17.80
N TYR D 217 2.67 19.75 -18.28
CA TYR D 217 2.46 19.10 -19.57
C TYR D 217 1.27 19.77 -20.19
N MET D 218 1.32 19.94 -21.50
CA MET D 218 0.22 20.55 -22.23
C MET D 218 -0.21 19.58 -23.30
N VAL D 219 -1.52 19.44 -23.44
CA VAL D 219 -2.12 18.54 -24.42
C VAL D 219 -2.55 19.27 -25.67
N ILE D 220 -2.10 18.79 -26.82
CA ILE D 220 -2.48 19.40 -28.08
C ILE D 220 -2.99 18.32 -29.02
N GLY D 221 -4.17 18.54 -29.57
CA GLY D 221 -4.75 17.57 -30.48
C GLY D 221 -4.87 18.09 -31.90
N ARG D 222 -6.09 18.45 -32.27
CA ARG D 222 -6.41 18.96 -33.59
C ARG D 222 -5.40 19.92 -34.23
N PRO D 223 -4.93 20.93 -33.48
CA PRO D 223 -3.95 21.86 -34.06
C PRO D 223 -2.81 21.12 -34.75
N VAL D 224 -2.40 20.00 -34.16
CA VAL D 224 -1.34 19.19 -34.72
C VAL D 224 -1.87 18.14 -35.71
N THR D 225 -2.91 17.39 -35.30
CA THR D 225 -3.48 16.33 -36.15
C THR D 225 -4.30 16.76 -37.36
N GLN D 226 -4.87 17.95 -37.33
CA GLN D 226 -5.64 18.45 -38.46
C GLN D 226 -4.69 18.98 -39.53
N SER D 227 -3.40 18.96 -39.23
CA SER D 227 -2.39 19.44 -40.17
C SER D 227 -2.07 18.35 -41.22
N VAL D 228 -1.69 18.77 -42.42
CA VAL D 228 -1.35 17.83 -43.49
C VAL D 228 0.06 17.27 -43.27
N ASP D 229 0.79 17.88 -42.34
CA ASP D 229 2.13 17.44 -41.98
C ASP D 229 2.30 17.68 -40.48
N PRO D 230 1.54 16.95 -39.66
CA PRO D 230 1.57 17.06 -38.19
C PRO D 230 2.95 17.01 -37.53
N ALA D 231 3.84 16.17 -38.05
CA ALA D 231 5.19 16.07 -37.50
C ALA D 231 5.84 17.44 -37.58
N GLN D 232 5.65 18.08 -38.72
CA GLN D 232 6.21 19.41 -38.95
C GLN D 232 5.62 20.40 -37.94
N THR D 233 4.31 20.35 -37.75
CA THR D 233 3.66 21.26 -36.79
C THR D 233 4.20 21.01 -35.38
N LEU D 234 4.30 19.74 -35.00
CA LEU D 234 4.82 19.39 -33.69
C LEU D 234 6.21 19.99 -33.53
N LYS D 235 7.00 19.90 -34.60
CA LYS D 235 8.36 20.43 -34.59
C LYS D 235 8.33 21.93 -34.36
N ALA D 236 7.47 22.63 -35.10
CA ALA D 236 7.35 24.07 -34.97
C ALA D 236 6.95 24.45 -33.54
N ILE D 237 5.89 23.84 -33.04
CA ILE D 237 5.41 24.13 -31.67
C ILE D 237 6.53 23.94 -30.65
N ASN D 238 7.28 22.85 -30.77
CA ASN D 238 8.37 22.60 -29.84
C ASN D 238 9.39 23.74 -29.90
N ALA D 239 9.57 24.29 -31.10
CA ALA D 239 10.52 25.38 -31.30
C ALA D 239 10.05 26.65 -30.60
N SER D 240 8.76 26.95 -30.71
CA SER D 240 8.19 28.15 -30.06
C SER D 240 8.39 28.14 -28.55
N LEU D 241 8.30 26.96 -27.97
CA LEU D 241 8.45 26.81 -26.53
C LEU D 241 9.91 26.88 -26.09
N GLN D 242 10.83 26.50 -26.98
CA GLN D 242 12.25 26.51 -26.65
C GLN D 242 12.91 27.87 -26.89
P BMQ E . 7.89 -21.67 25.48
O1P BMQ E . 9.08 -21.98 26.41
O2P BMQ E . 6.56 -21.65 26.15
O3P BMQ E . 7.87 -22.66 24.35
O5' BMQ E . 8.25 -20.22 24.93
C5' BMQ E . 7.31 -19.62 24.05
C4' BMQ E . 7.65 -18.30 23.52
O4' BMQ E . 7.62 -17.18 24.59
C3' BMQ E . 8.84 -18.06 22.66
O3' BMQ E . 8.38 -17.33 21.49
C2' BMQ E . 9.73 -17.11 23.50
O2' BMQ E . 10.68 -16.35 22.85
C1' BMQ E . 8.69 -16.29 24.23
N1 BMQ E . 9.21 -15.50 25.45
C2 BMQ E . 9.80 -16.19 26.52
O2 BMQ E . 9.96 -17.52 26.53
N3 BMQ E . 10.26 -15.44 27.60
C4 BMQ E . 10.13 -14.06 27.63
O4 BMQ E . 10.55 -13.44 28.60
C5 BMQ E . 9.50 -13.41 26.50
C6 BMQ E . 9.07 -14.21 25.47
O1 BMQ E . 8.49 -13.59 24.40
P BMQ F . 22.29 6.04 11.10
O1P BMQ F . 22.13 6.96 12.32
O2P BMQ F . 23.66 6.06 10.49
O3P BMQ F . 21.27 6.43 10.07
O5' BMQ F . 21.95 4.59 11.66
C5' BMQ F . 22.06 3.53 10.73
C4' BMQ F . 21.68 2.20 11.22
O4' BMQ F . 22.68 1.59 12.21
C3' BMQ F . 20.30 1.95 11.74
O3' BMQ F . 19.76 0.81 11.02
C2' BMQ F . 20.51 1.55 13.23
O2' BMQ F . 19.54 0.75 13.79
C1' BMQ F . 21.87 0.90 13.21
N1 BMQ F . 22.59 0.82 14.57
C2 BMQ F . 22.93 2.00 15.27
O2 BMQ F . 22.66 3.22 14.81
N3 BMQ F . 23.57 1.87 16.49
C4 BMQ F . 23.87 0.63 17.02
O4 BMQ F . 24.44 0.56 18.11
C5 BMQ F . 23.50 -0.54 16.27
C6 BMQ F . 22.87 -0.35 15.06
O1 BMQ F . 22.52 -1.47 14.35
P BMQ G . -22.24 -4.07 -8.13
O1P BMQ G . -21.90 -3.37 -6.81
O2P BMQ G . -23.67 -4.45 -8.30
O3P BMQ G . -21.40 -5.28 -8.28
O5' BMQ G . -21.82 -3.02 -9.24
C5' BMQ G . -22.07 -3.40 -10.60
C4' BMQ G . -21.58 -2.47 -11.63
O4' BMQ G . -22.58 -1.33 -11.93
C3' BMQ G . -20.21 -1.87 -11.57
O3' BMQ G . -19.53 -2.19 -12.84
C2' BMQ G . -20.42 -0.34 -11.50
O2' BMQ G . -19.45 0.44 -12.03
C1' BMQ G . -21.78 -0.14 -12.17
N1 BMQ G . -22.52 1.16 -11.76
C2 BMQ G . -22.78 1.40 -10.39
O2 BMQ G . -22.41 0.56 -9.43
N3 BMQ G . -23.43 2.57 -10.06
C4 BMQ G . -23.82 3.47 -11.02
O4 BMQ G . -24.40 4.50 -10.66
C5 BMQ G . -23.54 3.18 -12.39
C6 BMQ G . -22.89 2.00 -12.66
O1 BMQ G . -22.62 1.73 -13.97
P BMQ H . -7.80 19.33 -28.86
O1P BMQ H . -9.13 20.10 -28.99
O2P BMQ H . -6.64 20.14 -28.44
O3P BMQ H . -7.53 18.67 -30.18
O5' BMQ H . -8.14 18.21 -27.77
C5' BMQ H . -7.12 17.30 -27.34
C4' BMQ H . -7.54 16.26 -26.39
O4' BMQ H . -7.45 16.70 -24.91
C3' BMQ H . -8.81 15.50 -26.55
O3' BMQ H . -8.50 14.08 -26.50
C2' BMQ H . -9.66 15.84 -25.29
O2' BMQ H . -10.58 14.92 -24.89
C1' BMQ H . -8.61 16.11 -24.25
N1 BMQ H . -9.08 16.99 -23.06
C2 BMQ H . -9.63 18.27 -23.32
O2 BMQ H . -9.77 18.76 -24.55
N3 BMQ H . -10.05 19.02 -22.23
C4 BMQ H . -9.92 18.56 -20.94
O4 BMQ H . -10.30 19.27 -20.01
C5 BMQ H . -9.36 17.25 -20.74
C6 BMQ H . -8.97 16.55 -21.86
O1 BMQ H . -8.43 15.31 -21.67
#